data_3OQ5
#
_entry.id   3OQ5
#
_cell.length_a   109.080
_cell.length_b   109.080
_cell.length_c   90.050
_cell.angle_alpha   90.00
_cell.angle_beta   90.00
_cell.angle_gamma   120.00
#
_symmetry.space_group_name_H-M   'P 32'
#
loop_
_entity.id
_entity.type
_entity.pdbx_description
1 polymer 'Lethal(3)malignant brain tumor-like protein'
2 polymer 'Cellular tumor antigen p53'
3 water water
#
loop_
_entity_poly.entity_id
_entity_poly.type
_entity_poly.pdbx_seq_one_letter_code
_entity_poly.pdbx_strand_id
1 'polypeptide(L)'
;GPLGSEWSSSQPATGEKKECWSWESYLEEQKAITAPVSLFQDSQAVTHNKNGFKLGMKLEGIDPQHPSMYFILTVAEVCG
YRLRLHFDGYSECHDFWVNANSPDIHPAGWFEKTGHKLQPPKGYKEEEFSWSQYLRSTRAQAAPKHLFVSQSHSPPPLGF
QVGMKLEAVDRMNPSLVCVASVTDVVDSRFLVHFDNWDDTYDYWCDPSSPYIHPVGWCQKQGKPLTPPQDYPDPDNFCWE
KYLEETGASAVPTWAFKVRPPHSFLVNMKLEAVDRRNPALIRVASVEDVEDHRIKIHFDGWSHGYDFWIDADHPDIHPAG
WCSKTGHPLQPPLGPREPSSASPGG
;
A,B,C
2 'polypeptide(L)' TSRHK(MLZ)LMFK D,E
#
# COMPACT_ATOMS: atom_id res chain seq x y z
N TRP A 21 -37.80 9.12 30.39
CA TRP A 21 -36.66 10.03 30.40
C TRP A 21 -37.01 11.37 29.77
N SER A 22 -36.38 12.42 30.26
CA SER A 22 -36.60 13.77 29.76
C SER A 22 -35.38 14.66 29.99
N TRP A 23 -35.22 15.67 29.13
CA TRP A 23 -34.17 16.65 29.32
C TRP A 23 -34.36 17.41 30.63
N GLU A 24 -35.60 17.82 30.89
CA GLU A 24 -35.93 18.63 32.06
C GLU A 24 -35.61 17.91 33.37
N SER A 25 -35.95 16.62 33.43
CA SER A 25 -35.64 15.81 34.60
C SER A 25 -34.14 15.53 34.71
N TYR A 26 -33.50 15.34 33.55
CA TYR A 26 -32.07 15.01 33.50
C TYR A 26 -31.18 16.24 33.74
N LEU A 27 -31.55 17.36 33.15
CA LEU A 27 -30.85 18.61 33.39
C LEU A 27 -31.09 19.06 34.82
N GLU A 28 -32.20 18.62 35.39
CA GLU A 28 -32.58 18.98 36.75
C GLU A 28 -31.82 18.13 37.75
N GLU A 29 -31.66 16.84 37.46
CA GLU A 29 -30.99 15.92 38.37
C GLU A 29 -29.47 16.00 38.22
N GLN A 30 -29.00 16.77 37.25
CA GLN A 30 -27.57 16.87 36.95
C GLN A 30 -27.02 18.28 37.15
N LYS A 31 -27.92 19.23 37.39
CA LYS A 31 -27.52 20.62 37.65
C LYS A 31 -26.83 21.31 36.48
N ALA A 32 -27.02 20.78 35.27
CA ALA A 32 -26.36 21.32 34.09
C ALA A 32 -27.31 22.12 33.20
N ILE A 33 -26.77 22.71 32.13
CA ILE A 33 -27.58 23.44 31.16
C ILE A 33 -27.26 23.00 29.74
N THR A 34 -28.15 23.33 28.81
CA THR A 34 -27.96 23.00 27.40
C THR A 34 -27.40 24.17 26.63
N ALA A 35 -26.58 23.88 25.63
CA ALA A 35 -26.07 24.89 24.74
C ALA A 35 -27.26 25.67 24.19
N PRO A 36 -27.23 27.01 24.35
CA PRO A 36 -28.30 27.85 23.83
C PRO A 36 -28.45 27.68 22.33
N VAL A 37 -29.69 27.62 21.86
CA VAL A 37 -29.98 27.46 20.43
C VAL A 37 -29.22 28.48 19.57
N SER A 38 -28.88 29.63 20.16
CA SER A 38 -28.16 30.68 19.44
C SER A 38 -26.69 30.36 19.19
N LEU A 39 -26.16 29.35 19.89
CA LEU A 39 -24.79 28.90 19.68
C LEU A 39 -24.68 28.06 18.42
N PHE A 40 -25.83 27.63 17.91
CA PHE A 40 -25.86 26.70 16.79
C PHE A 40 -26.08 27.40 15.46
N GLN A 41 -25.67 26.74 14.39
CA GLN A 41 -25.98 27.18 13.04
C GLN A 41 -27.45 26.90 12.81
N ASP A 42 -28.09 27.70 11.97
CA ASP A 42 -29.51 27.51 11.69
C ASP A 42 -29.79 26.09 11.20
N SER A 43 -28.94 25.62 10.29
CA SER A 43 -29.10 24.29 9.71
C SER A 43 -29.13 23.19 10.79
N GLN A 44 -28.38 23.40 11.87
CA GLN A 44 -28.28 22.42 12.94
C GLN A 44 -29.45 22.53 13.92
N ALA A 45 -29.99 23.74 14.06
CA ALA A 45 -30.99 24.02 15.08
C ALA A 45 -32.41 23.95 14.56
N VAL A 46 -32.57 24.00 13.24
CA VAL A 46 -33.89 24.03 12.61
C VAL A 46 -34.66 22.71 12.78
N THR A 47 -35.87 22.79 13.33
CA THR A 47 -36.66 21.59 13.62
C THR A 47 -38.09 21.61 13.06
N HIS A 48 -38.49 22.73 12.47
CA HIS A 48 -39.87 22.89 12.05
C HIS A 48 -40.14 22.55 10.59
N ASN A 49 -39.13 22.02 9.90
CA ASN A 49 -39.29 21.63 8.50
C ASN A 49 -39.59 20.15 8.36
N LYS A 50 -40.54 19.83 7.49
CA LYS A 50 -40.92 18.45 7.27
C LYS A 50 -39.90 17.74 6.39
N ASN A 51 -39.49 16.55 6.82
CA ASN A 51 -38.72 15.65 5.97
C ASN A 51 -39.68 15.13 4.91
N GLY A 52 -39.50 15.60 3.68
CA GLY A 52 -40.41 15.25 2.60
C GLY A 52 -39.92 14.09 1.78
N PHE A 53 -38.78 13.55 2.17
CA PHE A 53 -38.18 12.42 1.48
C PHE A 53 -38.94 11.15 1.83
N LYS A 54 -39.21 10.34 0.81
CA LYS A 54 -39.94 9.11 1.04
C LYS A 54 -39.06 7.94 0.66
N LEU A 55 -39.41 6.76 1.16
CA LEU A 55 -38.65 5.55 0.86
C LEU A 55 -38.62 5.28 -0.64
N GLY A 56 -37.47 4.84 -1.13
CA GLY A 56 -37.34 4.39 -2.50
C GLY A 56 -37.06 5.48 -3.51
N MET A 57 -37.16 6.72 -3.07
CA MET A 57 -36.86 7.87 -3.93
C MET A 57 -35.40 7.83 -4.32
N LYS A 58 -35.11 8.24 -5.54
CA LYS A 58 -33.73 8.27 -5.99
C LYS A 58 -33.23 9.70 -6.15
N LEU A 59 -32.04 9.96 -5.62
CA LEU A 59 -31.41 11.26 -5.74
C LEU A 59 -29.96 11.10 -6.16
N GLU A 60 -29.25 12.22 -6.28
CA GLU A 60 -27.79 12.22 -6.49
C GLU A 60 -27.12 12.77 -5.23
N GLY A 61 -25.88 12.36 -4.98
CA GLY A 61 -25.20 12.82 -3.79
C GLY A 61 -23.73 12.48 -3.79
N ILE A 62 -22.99 13.12 -2.88
CA ILE A 62 -21.57 12.88 -2.74
C ILE A 62 -21.33 11.64 -1.90
N ASP A 63 -20.41 10.79 -2.32
CA ASP A 63 -19.87 9.77 -1.45
C ASP A 63 -19.12 10.49 -0.34
N PRO A 64 -19.53 10.31 0.92
CA PRO A 64 -18.87 10.96 2.06
C PRO A 64 -17.42 10.52 2.23
N GLN A 65 -17.10 9.33 1.73
CA GLN A 65 -15.75 8.79 1.78
C GLN A 65 -14.88 9.37 0.68
N HIS A 66 -15.53 10.03 -0.29
CA HIS A 66 -14.86 10.71 -1.38
C HIS A 66 -15.73 11.88 -1.83
N PRO A 67 -15.58 13.04 -1.16
CA PRO A 67 -16.42 14.24 -1.29
C PRO A 67 -16.39 14.90 -2.68
N SER A 68 -15.64 14.35 -3.63
CA SER A 68 -15.63 14.87 -4.99
C SER A 68 -16.39 13.95 -5.96
N MET A 69 -16.87 12.82 -5.43
CA MET A 69 -17.57 11.82 -6.23
C MET A 69 -19.07 11.97 -6.07
N TYR A 70 -19.80 11.77 -7.17
CA TYR A 70 -21.26 11.85 -7.14
C TYR A 70 -21.87 10.52 -7.60
N PHE A 71 -22.76 9.98 -6.78
CA PHE A 71 -23.36 8.69 -7.04
C PHE A 71 -24.86 8.80 -7.19
N ILE A 72 -25.50 7.75 -7.68
CA ILE A 72 -26.96 7.64 -7.64
C ILE A 72 -27.35 6.98 -6.32
N LEU A 73 -28.15 7.68 -5.53
CA LEU A 73 -28.51 7.17 -4.21
C LEU A 73 -30.01 6.95 -4.10
N THR A 74 -30.42 6.01 -3.26
CA THR A 74 -31.84 5.73 -3.02
C THR A 74 -32.16 5.79 -1.53
N VAL A 75 -33.18 6.57 -1.16
CA VAL A 75 -33.65 6.63 0.22
C VAL A 75 -34.04 5.23 0.72
N ALA A 76 -33.34 4.76 1.75
CA ALA A 76 -33.57 3.41 2.27
C ALA A 76 -34.19 3.41 3.66
N GLU A 77 -34.20 4.57 4.31
CA GLU A 77 -34.82 4.69 5.64
C GLU A 77 -34.91 6.15 6.05
N VAL A 78 -36.07 6.56 6.55
CA VAL A 78 -36.23 7.90 7.07
C VAL A 78 -36.54 7.86 8.56
N CYS A 79 -35.90 8.77 9.30
CA CYS A 79 -36.05 8.81 10.75
C CYS A 79 -35.98 10.24 11.27
N GLY A 80 -37.13 10.87 11.49
CA GLY A 80 -37.14 12.26 11.88
C GLY A 80 -36.72 13.16 10.75
N TYR A 81 -35.76 14.04 10.99
CA TYR A 81 -35.29 14.97 9.96
C TYR A 81 -34.05 14.42 9.27
N ARG A 82 -33.95 13.11 9.26
CA ARG A 82 -32.79 12.43 8.69
C ARG A 82 -33.22 11.30 7.77
N LEU A 83 -32.36 10.96 6.83
CA LEU A 83 -32.61 9.86 5.92
C LEU A 83 -31.35 9.04 5.73
N ARG A 84 -31.51 7.73 5.60
CA ARG A 84 -30.41 6.84 5.27
C ARG A 84 -30.42 6.64 3.75
N LEU A 85 -29.26 6.78 3.11
CA LEU A 85 -29.17 6.70 1.66
C LEU A 85 -28.39 5.48 1.20
N HIS A 86 -28.90 4.82 0.16
CA HIS A 86 -28.29 3.61 -0.37
C HIS A 86 -27.56 3.90 -1.68
N PHE A 87 -26.45 3.20 -1.91
CA PHE A 87 -25.68 3.34 -3.15
C PHE A 87 -26.17 2.35 -4.20
N ASP A 88 -27.04 2.79 -5.09
CA ASP A 88 -27.60 1.92 -6.12
C ASP A 88 -26.54 1.06 -6.81
N GLY A 89 -26.71 -0.25 -6.73
CA GLY A 89 -25.78 -1.19 -7.36
C GLY A 89 -24.71 -1.75 -6.44
N TYR A 90 -24.46 -1.06 -5.34
CA TYR A 90 -23.43 -1.47 -4.39
C TYR A 90 -24.03 -2.04 -3.11
N SER A 91 -23.16 -2.35 -2.15
CA SER A 91 -23.59 -3.02 -0.93
C SER A 91 -24.38 -2.10 -0.01
N GLU A 92 -25.16 -2.69 0.88
CA GLU A 92 -25.93 -1.93 1.87
C GLU A 92 -25.06 -1.53 3.05
N CYS A 93 -23.79 -1.88 3.01
CA CYS A 93 -22.89 -1.55 4.10
C CYS A 93 -22.30 -0.15 3.92
N HIS A 94 -22.41 0.37 2.70
CA HIS A 94 -21.88 1.69 2.37
C HIS A 94 -22.88 2.79 2.73
N ASP A 95 -24.05 2.38 3.20
CA ASP A 95 -25.13 3.31 3.54
C ASP A 95 -24.73 4.32 4.61
N PHE A 96 -25.31 5.52 4.54
CA PHE A 96 -24.94 6.60 5.44
C PHE A 96 -26.15 7.49 5.72
N TRP A 97 -26.07 8.26 6.79
CA TRP A 97 -27.16 9.12 7.19
C TRP A 97 -26.83 10.57 6.88
N VAL A 98 -27.81 11.29 6.33
CA VAL A 98 -27.70 12.74 6.11
C VAL A 98 -28.93 13.36 6.76
N ASN A 99 -28.97 14.69 6.84
CA ASN A 99 -30.18 15.36 7.29
C ASN A 99 -30.98 15.66 6.06
N ALA A 100 -32.26 16.02 6.23
CA ALA A 100 -33.12 16.36 5.11
C ALA A 100 -32.67 17.67 4.49
N ASN A 101 -32.06 18.53 5.30
CA ASN A 101 -31.56 19.81 4.82
C ASN A 101 -30.10 19.71 4.47
N SER A 102 -29.69 18.56 3.96
CA SER A 102 -28.32 18.34 3.56
C SER A 102 -28.03 19.05 2.25
N PRO A 103 -26.87 19.73 2.15
CA PRO A 103 -26.47 20.41 0.92
C PRO A 103 -25.57 19.53 0.05
N ASP A 104 -25.32 18.30 0.50
CA ASP A 104 -24.46 17.36 -0.22
C ASP A 104 -25.24 16.33 -1.01
N ILE A 105 -26.55 16.57 -1.15
CA ILE A 105 -27.40 15.80 -2.06
C ILE A 105 -28.10 16.75 -3.03
N HIS A 106 -28.47 16.26 -4.22
CA HIS A 106 -29.03 17.10 -5.27
C HIS A 106 -30.10 16.34 -6.07
N PRO A 107 -30.99 17.06 -6.79
CA PRO A 107 -32.07 16.36 -7.49
C PRO A 107 -31.58 15.59 -8.71
N ALA A 108 -32.25 14.49 -9.02
CA ALA A 108 -31.89 13.68 -10.19
C ALA A 108 -31.85 14.57 -11.41
N GLY A 109 -30.77 14.46 -12.17
CA GLY A 109 -30.58 15.25 -13.37
C GLY A 109 -29.78 16.50 -13.11
N TRP A 110 -29.16 16.56 -11.93
CA TRP A 110 -28.41 17.73 -11.51
C TRP A 110 -26.97 17.68 -12.04
N PHE A 111 -26.35 16.51 -11.92
CA PHE A 111 -24.95 16.34 -12.29
C PHE A 111 -24.67 16.76 -13.73
N GLU A 112 -25.69 16.70 -14.58
CA GLU A 112 -25.54 16.98 -16.01
C GLU A 112 -25.74 18.45 -16.36
N LYS A 113 -26.68 19.10 -15.67
CA LYS A 113 -27.00 20.51 -15.92
C LYS A 113 -25.92 21.42 -15.35
N THR A 114 -24.97 20.85 -14.62
CA THR A 114 -23.98 21.64 -13.88
C THR A 114 -22.54 21.21 -14.13
N GLY A 115 -22.33 20.11 -14.83
CA GLY A 115 -20.99 19.72 -15.21
C GLY A 115 -20.23 18.95 -14.15
N HIS A 116 -20.93 18.03 -13.50
CA HIS A 116 -20.32 17.11 -12.55
C HIS A 116 -20.38 15.70 -13.12
N LYS A 117 -19.47 14.84 -12.70
CA LYS A 117 -19.46 13.47 -13.19
C LYS A 117 -20.22 12.57 -12.24
N LEU A 118 -21.05 11.69 -12.78
CA LEU A 118 -21.75 10.68 -11.99
C LEU A 118 -21.07 9.34 -12.13
N GLN A 119 -20.97 8.61 -11.03
CA GLN A 119 -20.51 7.23 -11.08
C GLN A 119 -21.73 6.33 -11.22
N PRO A 120 -21.84 5.62 -12.35
CA PRO A 120 -23.04 4.85 -12.64
C PRO A 120 -23.26 3.78 -11.58
N PRO A 121 -24.48 3.22 -11.50
CA PRO A 121 -24.74 2.08 -10.64
C PRO A 121 -23.91 0.87 -11.09
N LYS A 122 -23.21 0.25 -10.14
CA LYS A 122 -22.37 -0.92 -10.39
C LYS A 122 -22.85 -1.76 -11.59
N GLY A 123 -21.99 -1.91 -12.59
CA GLY A 123 -22.30 -2.71 -13.75
C GLY A 123 -22.71 -1.91 -14.98
N TYR A 124 -23.18 -0.69 -14.76
CA TYR A 124 -23.63 0.18 -15.85
C TYR A 124 -22.48 0.59 -16.77
N PHE A 129 -25.31 6.30 -18.80
CA PHE A 129 -26.43 6.31 -17.86
C PHE A 129 -27.45 7.38 -18.23
N SER A 130 -28.73 6.99 -18.24
CA SER A 130 -29.82 7.94 -18.46
C SER A 130 -30.88 7.81 -17.35
N TRP A 131 -31.27 8.94 -16.78
CA TRP A 131 -32.22 8.93 -15.66
C TRP A 131 -33.60 8.43 -16.08
N SER A 132 -34.13 8.98 -17.16
CA SER A 132 -35.45 8.59 -17.64
C SER A 132 -35.49 7.10 -17.94
N GLN A 133 -34.36 6.59 -18.42
CA GLN A 133 -34.21 5.18 -18.78
C GLN A 133 -34.08 4.34 -17.53
N TYR A 134 -33.55 4.95 -16.47
CA TYR A 134 -33.33 4.26 -15.20
C TYR A 134 -34.61 4.21 -14.39
N LEU A 135 -35.33 5.34 -14.36
CA LEU A 135 -36.56 5.45 -13.60
C LEU A 135 -37.69 4.64 -14.25
N ARG A 136 -37.38 3.99 -15.34
CA ARG A 136 -38.35 3.20 -16.06
C ARG A 136 -38.04 1.75 -15.79
N SER A 137 -36.77 1.42 -15.74
CA SER A 137 -36.34 0.08 -15.39
C SER A 137 -36.61 -0.20 -13.92
N THR A 138 -36.44 0.82 -13.08
CA THR A 138 -36.59 0.66 -11.65
C THR A 138 -38.00 0.99 -11.19
N ARG A 139 -38.75 1.67 -12.05
CA ARG A 139 -40.10 2.11 -11.72
C ARG A 139 -40.07 2.97 -10.46
N ALA A 140 -38.93 3.58 -10.20
CA ALA A 140 -38.76 4.41 -9.02
C ALA A 140 -39.35 5.78 -9.25
N GLN A 141 -39.31 6.59 -8.20
CA GLN A 141 -39.70 7.98 -8.27
C GLN A 141 -38.53 8.82 -7.77
N ALA A 142 -38.14 9.81 -8.56
CA ALA A 142 -37.06 10.70 -8.15
C ALA A 142 -37.58 11.74 -7.16
N ALA A 143 -36.78 12.04 -6.15
CA ALA A 143 -37.18 13.03 -5.15
C ALA A 143 -37.42 14.37 -5.82
N PRO A 144 -38.58 14.98 -5.57
CA PRO A 144 -38.95 16.27 -6.16
C PRO A 144 -37.88 17.32 -5.90
N LYS A 145 -37.52 18.07 -6.92
CA LYS A 145 -36.44 19.04 -6.81
C LYS A 145 -36.56 19.90 -5.57
N HIS A 146 -37.79 20.26 -5.21
CA HIS A 146 -38.03 21.27 -4.18
C HIS A 146 -37.56 20.88 -2.78
N LEU A 147 -37.15 19.61 -2.62
CA LEU A 147 -36.68 19.11 -1.33
C LEU A 147 -35.25 19.55 -1.04
N PHE A 148 -34.54 19.94 -2.08
CA PHE A 148 -33.10 20.13 -2.01
C PHE A 148 -32.64 21.58 -1.82
N VAL A 149 -31.87 21.80 -0.76
CA VAL A 149 -31.34 23.13 -0.47
C VAL A 149 -30.30 23.55 -1.50
N SER A 150 -29.73 22.57 -2.21
CA SER A 150 -28.65 22.83 -3.16
C SER A 150 -28.94 22.26 -4.54
N GLN A 151 -29.02 23.16 -5.53
CA GLN A 151 -29.19 22.76 -6.92
C GLN A 151 -28.32 23.66 -7.78
N SER A 152 -27.30 24.24 -7.15
CA SER A 152 -26.38 25.18 -7.80
C SER A 152 -27.12 26.33 -8.45
N HIS A 153 -28.23 26.74 -7.84
CA HIS A 153 -29.02 27.87 -8.31
C HIS A 153 -28.65 29.16 -7.59
N SER A 154 -27.75 29.07 -6.62
CA SER A 154 -27.47 30.22 -5.76
C SER A 154 -26.10 30.87 -6.02
N PRO A 155 -25.85 32.03 -5.39
CA PRO A 155 -24.61 32.78 -5.59
C PRO A 155 -23.37 32.04 -5.09
N PRO A 156 -22.36 31.90 -5.97
CA PRO A 156 -21.14 31.14 -5.69
C PRO A 156 -20.31 31.78 -4.59
N PRO A 157 -19.28 31.08 -4.10
CA PRO A 157 -18.34 31.65 -3.12
C PRO A 157 -17.48 32.70 -3.80
N LEU A 158 -17.27 33.83 -3.14
CA LEU A 158 -16.54 34.93 -3.78
C LEU A 158 -15.03 34.74 -3.76
N GLY A 159 -14.42 34.79 -4.94
CA GLY A 159 -12.98 34.68 -5.08
C GLY A 159 -12.51 33.27 -5.37
N PHE A 160 -13.40 32.31 -5.11
CA PHE A 160 -13.06 30.90 -5.29
C PHE A 160 -13.61 30.34 -6.60
N GLN A 161 -12.76 30.41 -7.63
CA GLN A 161 -13.09 29.84 -8.91
C GLN A 161 -12.42 28.48 -9.01
N VAL A 162 -13.06 27.58 -9.77
CA VAL A 162 -12.51 26.25 -9.97
C VAL A 162 -11.15 26.35 -10.64
N GLY A 163 -10.20 25.57 -10.13
CA GLY A 163 -8.87 25.55 -10.71
C GLY A 163 -7.89 26.41 -9.94
N MET A 164 -8.41 27.38 -9.21
CA MET A 164 -7.58 28.26 -8.40
C MET A 164 -6.93 27.49 -7.27
N LYS A 165 -5.70 27.86 -6.94
CA LYS A 165 -4.95 27.16 -5.92
C LYS A 165 -4.87 27.95 -4.62
N LEU A 166 -4.67 27.23 -3.53
CA LEU A 166 -4.57 27.85 -2.21
C LEU A 166 -3.71 26.98 -1.30
N GLU A 167 -3.69 27.33 -0.02
CA GLU A 167 -3.03 26.51 0.99
C GLU A 167 -4.10 26.05 1.96
N ALA A 168 -4.16 24.75 2.21
CA ALA A 168 -5.21 24.19 3.04
C ALA A 168 -4.64 23.29 4.12
N VAL A 169 -5.31 23.24 5.27
CA VAL A 169 -4.95 22.33 6.34
C VAL A 169 -5.59 20.96 6.12
N ASP A 170 -4.78 19.91 6.16
CA ASP A 170 -5.33 18.57 6.08
C ASP A 170 -6.01 18.26 7.41
N ARG A 171 -7.34 18.30 7.41
CA ARG A 171 -8.11 18.07 8.63
C ARG A 171 -7.83 16.69 9.23
N MET A 172 -7.26 15.80 8.42
CA MET A 172 -6.95 14.44 8.86
C MET A 172 -5.54 14.38 9.43
N ASN A 173 -4.72 15.37 9.07
CA ASN A 173 -3.40 15.56 9.66
C ASN A 173 -3.16 17.05 9.85
N PRO A 174 -3.78 17.63 10.89
CA PRO A 174 -3.93 19.08 11.09
C PRO A 174 -2.62 19.87 11.01
N SER A 175 -1.51 19.22 11.31
CA SER A 175 -0.21 19.87 11.26
C SER A 175 0.24 20.09 9.81
N LEU A 176 -0.38 19.36 8.90
CA LEU A 176 -0.06 19.47 7.49
C LEU A 176 -0.90 20.53 6.81
N VAL A 177 -0.28 21.67 6.52
CA VAL A 177 -0.86 22.67 5.64
C VAL A 177 -0.25 22.46 4.25
N CYS A 178 -1.07 22.03 3.29
CA CYS A 178 -0.54 21.60 1.99
C CYS A 178 -0.99 22.47 0.81
N VAL A 179 -0.34 22.29 -0.32
CA VAL A 179 -0.74 22.92 -1.57
C VAL A 179 -2.04 22.28 -2.03
N ALA A 180 -3.08 23.11 -2.23
CA ALA A 180 -4.39 22.59 -2.58
C ALA A 180 -4.97 23.32 -3.79
N SER A 181 -6.02 22.74 -4.38
CA SER A 181 -6.74 23.34 -5.51
C SER A 181 -8.24 23.33 -5.25
N VAL A 182 -8.93 24.36 -5.71
CA VAL A 182 -10.40 24.34 -5.72
C VAL A 182 -10.84 23.48 -6.89
N THR A 183 -11.60 22.43 -6.61
CA THR A 183 -11.96 21.46 -7.62
C THR A 183 -13.46 21.42 -7.88
N ASP A 184 -14.24 21.91 -6.94
CA ASP A 184 -15.69 21.91 -7.11
C ASP A 184 -16.32 23.16 -6.52
N VAL A 185 -17.43 23.59 -7.13
CA VAL A 185 -18.16 24.76 -6.66
C VAL A 185 -19.66 24.49 -6.72
N VAL A 186 -20.29 24.41 -5.57
CA VAL A 186 -21.70 24.18 -5.51
C VAL A 186 -22.36 25.23 -4.63
N ASP A 187 -23.10 26.12 -5.21
CA ASP A 187 -23.83 27.13 -4.44
C ASP A 187 -22.88 28.01 -3.67
N SER A 188 -22.89 27.84 -2.36
CA SER A 188 -22.17 28.65 -1.41
C SER A 188 -20.81 28.06 -1.06
N ARG A 189 -20.58 26.83 -1.43
CA ARG A 189 -19.44 26.06 -0.98
C ARG A 189 -18.51 25.65 -2.12
N PHE A 190 -17.21 25.56 -1.81
CA PHE A 190 -16.23 25.01 -2.74
C PHE A 190 -15.57 23.75 -2.14
N LEU A 191 -14.89 22.99 -2.99
CA LEU A 191 -14.29 21.74 -2.56
C LEU A 191 -12.78 21.84 -2.64
N VAL A 192 -12.13 21.67 -1.49
CA VAL A 192 -10.69 21.80 -1.40
C VAL A 192 -10.00 20.47 -1.65
N HIS A 193 -9.20 20.41 -2.71
CA HIS A 193 -8.52 19.17 -3.08
C HIS A 193 -7.03 19.25 -2.80
N PHE A 194 -6.46 18.14 -2.34
CA PHE A 194 -5.04 18.05 -2.08
C PHE A 194 -4.29 17.45 -3.27
N ASP A 195 -3.53 18.31 -3.95
CA ASP A 195 -2.91 17.98 -5.24
C ASP A 195 -2.11 16.69 -5.21
N ASN A 196 -2.27 15.90 -6.28
CA ASN A 196 -1.60 14.61 -6.46
C ASN A 196 -2.11 13.49 -5.54
N TRP A 197 -2.96 13.85 -4.57
CA TRP A 197 -3.64 12.85 -3.74
C TRP A 197 -4.98 12.52 -4.38
N ASP A 198 -5.59 11.42 -3.97
CA ASP A 198 -6.98 11.18 -4.33
C ASP A 198 -7.83 12.16 -3.54
N ASP A 199 -9.12 11.88 -3.38
CA ASP A 199 -10.00 12.86 -2.73
C ASP A 199 -10.45 12.50 -1.31
N THR A 200 -9.78 11.53 -0.68
CA THR A 200 -10.18 11.12 0.66
C THR A 200 -9.87 12.21 1.68
N TYR A 201 -8.92 13.07 1.34
CA TYR A 201 -8.55 14.19 2.21
C TYR A 201 -9.24 15.47 1.77
N ASP A 202 -9.94 15.41 0.64
CA ASP A 202 -10.67 16.56 0.12
C ASP A 202 -11.78 16.90 1.09
N TYR A 203 -12.17 18.16 1.14
CA TYR A 203 -13.29 18.57 1.99
C TYR A 203 -14.00 19.83 1.51
N TRP A 204 -15.30 19.87 1.76
CA TRP A 204 -16.13 21.01 1.35
C TRP A 204 -16.14 22.08 2.43
N CYS A 205 -16.00 23.34 2.02
CA CYS A 205 -16.12 24.45 2.95
C CYS A 205 -16.47 25.74 2.22
N ASP A 206 -16.50 26.84 2.96
CA ASP A 206 -16.78 28.15 2.40
C ASP A 206 -15.66 29.11 2.82
N PRO A 207 -15.61 30.30 2.19
CA PRO A 207 -14.56 31.29 2.48
C PRO A 207 -14.18 31.37 3.96
N SER A 208 -15.18 31.45 4.84
CA SER A 208 -14.92 31.64 6.28
C SER A 208 -14.13 30.49 6.89
N SER A 209 -14.06 29.36 6.20
CA SER A 209 -13.44 28.17 6.76
C SER A 209 -12.09 28.47 7.40
N PRO A 210 -11.93 28.08 8.67
CA PRO A 210 -10.71 28.29 9.44
C PRO A 210 -9.52 27.51 8.91
N TYR A 211 -9.75 26.55 8.02
CA TYR A 211 -8.72 25.61 7.59
C TYR A 211 -8.04 26.00 6.27
N ILE A 212 -8.55 27.04 5.63
CA ILE A 212 -8.01 27.50 4.35
C ILE A 212 -7.19 28.79 4.45
N HIS A 213 -6.14 28.86 3.65
CA HIS A 213 -5.24 30.02 3.63
C HIS A 213 -4.78 30.34 2.21
N PRO A 214 -4.41 31.61 1.96
CA PRO A 214 -3.99 32.06 0.63
C PRO A 214 -2.54 31.71 0.34
N VAL A 215 -2.23 31.47 -0.93
CA VAL A 215 -0.87 31.20 -1.34
C VAL A 215 0.11 32.14 -0.64
N GLY A 216 1.21 31.57 -0.14
CA GLY A 216 2.23 32.35 0.52
C GLY A 216 1.93 32.66 1.97
N TRP A 217 0.90 32.00 2.50
CA TRP A 217 0.55 32.18 3.91
C TRP A 217 1.47 31.38 4.82
N CYS A 218 1.88 30.20 4.36
CA CYS A 218 2.81 29.38 5.12
C CYS A 218 4.16 30.06 5.29
N GLN A 219 4.74 30.52 4.19
CA GLN A 219 6.01 31.24 4.21
C GLN A 219 5.91 32.52 5.03
N LYS A 220 4.79 33.23 4.86
CA LYS A 220 4.52 34.44 5.61
C LYS A 220 4.47 34.18 7.10
N GLN A 221 4.20 32.93 7.47
CA GLN A 221 3.93 32.58 8.86
C GLN A 221 5.07 31.78 9.52
N GLY A 222 5.99 31.27 8.70
CA GLY A 222 7.10 30.51 9.23
C GLY A 222 6.86 29.00 9.25
N LYS A 223 5.62 28.58 9.02
CA LYS A 223 5.30 27.16 8.96
C LYS A 223 5.71 26.56 7.61
N PRO A 224 6.07 25.26 7.60
CA PRO A 224 6.41 24.59 6.35
C PRO A 224 5.18 24.33 5.47
N LEU A 225 5.37 24.29 4.15
CA LEU A 225 4.28 24.01 3.23
C LEU A 225 4.49 22.66 2.59
N THR A 226 3.55 21.74 2.80
CA THR A 226 3.66 20.40 2.23
C THR A 226 3.43 20.44 0.72
N PRO A 227 4.50 20.27 -0.07
CA PRO A 227 4.36 20.25 -1.53
C PRO A 227 3.39 19.17 -1.98
N PRO A 228 2.85 19.27 -3.19
CA PRO A 228 1.97 18.22 -3.70
C PRO A 228 2.63 16.85 -3.55
N GLN A 229 1.83 15.82 -3.28
CA GLN A 229 2.37 14.48 -3.14
C GLN A 229 3.29 14.15 -4.30
N ASP A 230 4.51 13.74 -3.99
CA ASP A 230 5.47 13.31 -5.00
C ASP A 230 5.80 14.39 -6.03
N TYR A 231 5.77 15.65 -5.60
CA TYR A 231 6.19 16.73 -6.48
C TYR A 231 7.69 16.63 -6.67
N PRO A 232 8.14 16.48 -7.92
CA PRO A 232 9.56 16.37 -8.27
C PRO A 232 10.39 17.46 -7.59
N ASP A 233 11.29 17.05 -6.71
CA ASP A 233 12.09 18.00 -5.95
C ASP A 233 11.20 18.75 -4.98
N PRO A 234 10.77 18.08 -3.90
CA PRO A 234 9.93 18.74 -2.90
C PRO A 234 10.72 19.87 -2.24
N ASP A 235 12.01 19.92 -2.54
CA ASP A 235 12.92 20.89 -1.95
C ASP A 235 13.02 22.19 -2.76
N ASN A 236 12.54 22.16 -3.99
CA ASN A 236 12.50 23.35 -4.82
C ASN A 236 11.08 23.80 -5.17
N PHE A 237 10.11 23.38 -4.37
CA PHE A 237 8.75 23.79 -4.65
C PHE A 237 8.66 25.31 -4.65
N CYS A 238 7.93 25.84 -5.62
CA CYS A 238 7.82 27.28 -5.80
C CYS A 238 6.39 27.61 -6.18
N TRP A 239 5.70 28.39 -5.36
CA TRP A 239 4.33 28.77 -5.67
C TRP A 239 4.27 29.50 -7.00
N GLU A 240 5.30 30.30 -7.29
CA GLU A 240 5.37 31.06 -8.54
C GLU A 240 5.55 30.15 -9.73
N LYS A 241 6.50 29.23 -9.64
CA LYS A 241 6.77 28.29 -10.72
C LYS A 241 5.62 27.29 -10.86
N TYR A 242 5.12 26.82 -9.72
CA TYR A 242 4.05 25.84 -9.71
C TYR A 242 2.77 26.43 -10.29
N LEU A 243 2.35 27.59 -9.79
CA LEU A 243 1.19 28.28 -10.34
C LEU A 243 1.36 28.47 -11.84
N GLU A 244 2.56 28.84 -12.25
CA GLU A 244 2.83 29.11 -13.66
C GLU A 244 2.87 27.84 -14.51
N GLU A 245 3.43 26.77 -13.96
CA GLU A 245 3.57 25.54 -14.73
C GLU A 245 2.29 24.71 -14.72
N THR A 246 1.37 25.03 -13.80
CA THR A 246 0.08 24.34 -13.75
C THR A 246 -1.00 25.17 -14.45
N GLY A 247 -0.61 26.37 -14.89
CA GLY A 247 -1.51 27.28 -15.57
C GLY A 247 -2.59 27.83 -14.64
N ALA A 248 -2.30 27.81 -13.34
CA ALA A 248 -3.31 28.16 -12.34
C ALA A 248 -3.15 29.55 -11.75
N SER A 249 -4.24 30.04 -11.15
CA SER A 249 -4.23 31.32 -10.42
C SER A 249 -4.47 31.02 -8.96
N ALA A 250 -4.05 31.95 -8.08
CA ALA A 250 -4.21 31.78 -6.64
C ALA A 250 -5.43 32.54 -6.13
N VAL A 251 -6.28 31.87 -5.36
CA VAL A 251 -7.43 32.52 -4.74
C VAL A 251 -6.97 33.80 -4.06
N PRO A 252 -7.60 34.94 -4.39
CA PRO A 252 -7.15 36.25 -3.89
C PRO A 252 -7.26 36.33 -2.38
N THR A 253 -6.29 36.96 -1.74
CA THR A 253 -6.24 37.00 -0.28
C THR A 253 -7.45 37.72 0.30
N TRP A 254 -8.13 38.51 -0.52
CA TRP A 254 -9.31 39.25 -0.08
C TRP A 254 -10.55 38.37 -0.02
N ALA A 255 -10.46 37.19 -0.66
CA ALA A 255 -11.57 36.26 -0.70
C ALA A 255 -11.75 35.55 0.63
N PHE A 256 -10.64 35.26 1.30
CA PHE A 256 -10.66 34.54 2.55
C PHE A 256 -11.26 35.40 3.66
N LYS A 257 -12.26 34.85 4.33
CA LYS A 257 -12.98 35.58 5.38
C LYS A 257 -12.78 34.95 6.76
N VAL A 258 -13.04 35.72 7.80
CA VAL A 258 -12.80 35.28 9.17
C VAL A 258 -14.04 34.63 9.77
N ARG A 259 -13.87 33.42 10.32
CA ARG A 259 -14.95 32.77 11.04
C ARG A 259 -14.76 32.97 12.55
N PRO A 260 -15.68 33.73 13.16
CA PRO A 260 -15.63 33.98 14.60
C PRO A 260 -15.73 32.68 15.37
N PRO A 261 -14.89 32.50 16.40
CA PRO A 261 -14.96 31.29 17.22
C PRO A 261 -16.36 31.16 17.82
N HIS A 262 -16.84 29.92 17.97
CA HIS A 262 -18.15 29.70 18.55
C HIS A 262 -18.17 30.16 20.00
N SER A 263 -19.36 30.20 20.59
CA SER A 263 -19.51 30.64 21.98
C SER A 263 -19.87 29.46 22.88
N PHE A 264 -19.62 28.25 22.42
CA PHE A 264 -19.89 27.06 23.22
C PHE A 264 -19.01 27.04 24.47
N LEU A 265 -19.63 26.79 25.62
CA LEU A 265 -18.88 26.67 26.88
C LEU A 265 -18.89 25.22 27.33
N VAL A 266 -17.90 24.85 28.13
CA VAL A 266 -17.78 23.48 28.64
C VAL A 266 -18.93 23.13 29.58
N ASN A 267 -19.29 21.85 29.59
CA ASN A 267 -20.36 21.33 30.46
C ASN A 267 -21.76 21.50 29.88
N MET A 268 -21.91 22.42 28.94
CA MET A 268 -23.16 22.56 28.21
C MET A 268 -23.53 21.22 27.58
N LYS A 269 -24.83 20.95 27.51
CA LYS A 269 -25.30 19.68 26.98
C LYS A 269 -26.04 19.87 25.66
N LEU A 270 -25.88 18.91 24.75
CA LEU A 270 -26.57 18.94 23.47
C LEU A 270 -26.93 17.53 23.03
N GLU A 271 -27.33 17.40 21.77
CA GLU A 271 -27.54 16.10 21.16
C GLU A 271 -26.58 16.01 19.97
N ALA A 272 -25.90 14.87 19.86
CA ALA A 272 -24.91 14.69 18.80
C ALA A 272 -24.93 13.27 18.24
N VAL A 273 -24.91 13.16 16.92
CA VAL A 273 -24.94 11.87 16.26
C VAL A 273 -23.78 11.00 16.74
N ASP A 274 -24.07 9.74 17.02
CA ASP A 274 -23.04 8.78 17.42
C ASP A 274 -22.20 8.39 16.20
N ARG A 275 -20.88 8.42 16.38
CA ARG A 275 -19.95 8.17 15.28
C ARG A 275 -19.75 6.69 14.98
N ARG A 276 -19.76 5.86 16.02
CA ARG A 276 -19.60 4.42 15.87
C ARG A 276 -20.90 3.79 15.38
N ASN A 277 -21.88 4.64 15.10
CA ASN A 277 -23.18 4.22 14.62
C ASN A 277 -24.01 5.46 14.30
N PRO A 278 -23.90 5.96 13.06
CA PRO A 278 -24.51 7.21 12.60
C PRO A 278 -26.03 7.27 12.78
N ALA A 279 -26.68 6.12 12.96
CA ALA A 279 -28.13 6.06 13.09
C ALA A 279 -28.65 6.61 14.42
N LEU A 280 -27.82 6.54 15.46
CA LEU A 280 -28.20 6.98 16.80
C LEU A 280 -27.86 8.45 17.09
N ILE A 281 -28.57 9.02 18.05
CA ILE A 281 -28.26 10.35 18.54
C ILE A 281 -28.34 10.35 20.07
N ARG A 282 -27.32 10.92 20.71
CA ARG A 282 -27.17 10.76 22.16
C ARG A 282 -27.15 12.06 22.94
N VAL A 283 -27.47 11.95 24.23
CA VAL A 283 -27.21 13.02 25.18
C VAL A 283 -25.71 13.20 25.25
N ALA A 284 -25.25 14.44 25.08
CA ALA A 284 -23.81 14.71 25.06
C ALA A 284 -23.48 16.05 25.69
N SER A 285 -22.22 16.18 26.13
CA SER A 285 -21.77 17.40 26.78
C SER A 285 -20.54 17.96 26.06
N VAL A 286 -20.36 19.27 26.18
CA VAL A 286 -19.16 19.91 25.67
C VAL A 286 -17.98 19.65 26.62
N GLU A 287 -17.16 18.66 26.27
CA GLU A 287 -16.04 18.25 27.11
C GLU A 287 -14.97 19.33 27.15
N ASP A 288 -14.50 19.73 25.97
CA ASP A 288 -13.48 20.75 25.84
C ASP A 288 -13.82 21.62 24.64
N VAL A 289 -13.13 22.75 24.50
CA VAL A 289 -13.41 23.67 23.39
C VAL A 289 -12.14 24.22 22.72
N GLU A 290 -12.29 24.66 21.47
CA GLU A 290 -11.27 25.48 20.81
C GLU A 290 -11.97 26.71 20.25
N ASP A 291 -11.36 27.36 19.26
CA ASP A 291 -12.03 28.46 18.59
C ASP A 291 -13.11 27.90 17.67
N HIS A 292 -12.80 26.80 17.00
CA HIS A 292 -13.65 26.29 15.93
C HIS A 292 -14.05 24.81 16.11
N ARG A 293 -13.47 24.15 17.12
CA ARG A 293 -13.81 22.76 17.40
C ARG A 293 -14.54 22.58 18.73
N ILE A 294 -15.02 21.35 18.96
CA ILE A 294 -15.82 21.05 20.14
C ILE A 294 -15.65 19.59 20.52
N LYS A 295 -15.31 19.33 21.79
CA LYS A 295 -15.25 17.96 22.28
C LYS A 295 -16.61 17.49 22.79
N ILE A 296 -17.16 16.48 22.13
CA ILE A 296 -18.43 15.91 22.54
C ILE A 296 -18.19 14.70 23.42
N HIS A 297 -18.73 14.74 24.64
CA HIS A 297 -18.72 13.58 25.52
C HIS A 297 -20.13 13.01 25.63
N PHE A 298 -20.27 11.71 25.38
CA PHE A 298 -21.56 11.06 25.56
C PHE A 298 -21.79 10.69 27.02
N ASP A 299 -22.82 11.28 27.62
CA ASP A 299 -23.07 11.16 29.05
C ASP A 299 -23.31 9.72 29.51
N GLY A 300 -22.67 9.35 30.61
CA GLY A 300 -22.78 8.01 31.14
C GLY A 300 -21.81 7.05 30.49
N TRP A 301 -21.28 7.45 29.33
CA TRP A 301 -20.33 6.64 28.58
C TRP A 301 -18.88 7.00 28.91
N SER A 302 -17.96 6.11 28.55
CA SER A 302 -16.54 6.34 28.82
C SER A 302 -16.03 7.55 28.04
N HIS A 303 -14.91 8.11 28.47
CA HIS A 303 -14.36 9.29 27.82
C HIS A 303 -13.49 8.94 26.62
N GLY A 304 -13.10 7.67 26.54
CA GLY A 304 -12.33 7.19 25.41
C GLY A 304 -13.13 7.23 24.13
N TYR A 305 -14.39 7.64 24.25
CA TYR A 305 -15.27 7.77 23.10
C TYR A 305 -15.41 9.22 22.69
N ASP A 306 -14.99 10.13 23.56
CA ASP A 306 -15.06 11.54 23.27
C ASP A 306 -14.39 11.82 21.93
N PHE A 307 -14.92 12.79 21.19
CA PHE A 307 -14.38 13.10 19.87
C PHE A 307 -14.40 14.60 19.62
N TRP A 308 -13.43 15.08 18.86
CA TRP A 308 -13.46 16.44 18.38
C TRP A 308 -14.30 16.50 17.12
N ILE A 309 -15.19 17.48 17.06
CA ILE A 309 -16.04 17.71 15.90
C ILE A 309 -16.04 19.21 15.63
N ASP A 310 -16.28 19.60 14.38
CA ASP A 310 -16.39 21.02 14.06
C ASP A 310 -17.69 21.59 14.59
N ALA A 311 -17.61 22.75 15.23
CA ALA A 311 -18.79 23.39 15.81
C ALA A 311 -19.87 23.68 14.77
N ASP A 312 -19.49 23.65 13.49
CA ASP A 312 -20.43 23.91 12.40
C ASP A 312 -20.86 22.61 11.70
N HIS A 313 -20.35 21.48 12.20
CA HIS A 313 -20.69 20.19 11.65
C HIS A 313 -22.20 19.91 11.76
N PRO A 314 -22.81 19.39 10.68
CA PRO A 314 -24.25 19.21 10.62
C PRO A 314 -24.79 18.16 11.59
N ASP A 315 -23.92 17.42 12.26
CA ASP A 315 -24.34 16.33 13.13
C ASP A 315 -24.35 16.66 14.63
N ILE A 316 -24.48 17.94 14.97
CA ILE A 316 -24.73 18.33 16.35
C ILE A 316 -25.93 19.27 16.44
N HIS A 317 -26.76 19.07 17.46
CA HIS A 317 -28.02 19.79 17.57
C HIS A 317 -28.31 20.18 19.02
N PRO A 318 -29.16 21.20 19.22
CA PRO A 318 -29.56 21.65 20.55
C PRO A 318 -30.44 20.61 21.22
N ALA A 319 -30.47 20.60 22.55
CA ALA A 319 -31.36 19.71 23.27
C ALA A 319 -32.80 20.04 22.91
N GLY A 320 -33.53 19.03 22.46
CA GLY A 320 -34.91 19.22 22.04
C GLY A 320 -35.07 19.01 20.55
N TRP A 321 -33.95 18.91 19.86
CA TRP A 321 -33.95 18.68 18.42
C TRP A 321 -34.58 17.32 18.09
N CYS A 322 -34.08 16.26 18.72
CA CYS A 322 -34.58 14.90 18.50
C CYS A 322 -36.08 14.77 18.77
N SER A 323 -36.53 15.42 19.84
CA SER A 323 -37.92 15.35 20.24
C SER A 323 -38.80 16.10 19.25
N LYS A 324 -38.32 17.26 18.79
CA LYS A 324 -39.08 18.13 17.92
C LYS A 324 -39.15 17.66 16.47
N THR A 325 -38.26 16.73 16.10
CA THR A 325 -38.24 16.20 14.74
C THR A 325 -38.74 14.76 14.65
N GLY A 326 -38.86 14.09 15.78
CA GLY A 326 -39.40 12.74 15.80
C GLY A 326 -38.33 11.69 15.66
N HIS A 327 -37.12 12.05 16.10
CA HIS A 327 -35.99 11.15 16.08
C HIS A 327 -35.77 10.73 17.51
N PRO A 328 -35.56 9.42 17.72
CA PRO A 328 -35.31 8.90 19.07
C PRO A 328 -34.01 9.43 19.66
N LEU A 329 -34.01 9.68 20.97
CA LEU A 329 -32.84 10.19 21.64
C LEU A 329 -32.33 9.17 22.65
N GLN A 330 -31.03 8.91 22.62
CA GLN A 330 -30.42 7.97 23.55
C GLN A 330 -30.08 8.66 24.86
N PRO A 331 -30.77 8.30 25.95
CA PRO A 331 -30.43 8.85 27.26
C PRO A 331 -29.01 8.45 27.64
N PRO A 332 -28.43 9.09 28.67
CA PRO A 332 -27.11 8.70 29.17
C PRO A 332 -27.08 7.23 29.59
N LEU A 333 -25.90 6.61 29.53
CA LEU A 333 -25.73 5.22 29.95
C LEU A 333 -26.41 4.94 31.31
N TRP B 21 41.60 19.59 -14.62
CA TRP B 21 40.70 20.40 -13.80
C TRP B 21 41.27 20.64 -12.41
N SER B 22 40.95 21.80 -11.84
CA SER B 22 41.43 22.18 -10.51
C SER B 22 40.47 23.15 -9.84
N TRP B 23 40.45 23.14 -8.51
CA TRP B 23 39.67 24.11 -7.76
C TRP B 23 40.18 25.53 -8.03
N GLU B 24 41.49 25.70 -7.98
CA GLU B 24 42.10 27.01 -8.14
C GLU B 24 41.78 27.65 -9.48
N SER B 25 41.83 26.86 -10.55
CA SER B 25 41.48 27.35 -11.87
C SER B 25 39.98 27.60 -11.99
N TYR B 26 39.19 26.74 -11.34
CA TYR B 26 37.74 26.83 -11.42
C TYR B 26 37.16 27.94 -10.54
N LEU B 27 37.71 28.08 -9.33
CA LEU B 27 37.33 29.17 -8.45
C LEU B 27 37.83 30.48 -9.04
N GLU B 28 38.87 30.39 -9.86
CA GLU B 28 39.46 31.56 -10.48
C GLU B 28 38.63 32.01 -11.68
N GLU B 29 38.17 31.05 -12.47
CA GLU B 29 37.40 31.36 -13.67
C GLU B 29 35.94 31.64 -13.35
N GLN B 30 35.56 31.46 -12.09
CA GLN B 30 34.17 31.61 -11.68
C GLN B 30 33.98 32.73 -10.66
N LYS B 31 35.09 33.27 -10.16
CA LYS B 31 35.05 34.40 -9.23
C LYS B 31 34.41 34.04 -7.89
N ALA B 32 34.34 32.75 -7.56
CA ALA B 32 33.69 32.31 -6.33
C ALA B 32 34.69 31.92 -5.26
N ILE B 33 34.17 31.55 -4.08
CA ILE B 33 35.00 31.07 -2.99
C ILE B 33 34.44 29.78 -2.40
N THR B 34 35.27 29.08 -1.63
CA THR B 34 34.87 27.84 -1.00
C THR B 34 34.51 28.06 0.45
N ALA B 35 33.54 27.29 0.93
CA ALA B 35 33.19 27.32 2.34
C ALA B 35 34.46 27.10 3.17
N PRO B 36 34.74 28.03 4.08
CA PRO B 36 35.92 27.90 4.95
C PRO B 36 35.85 26.61 5.75
N VAL B 37 36.99 25.93 5.88
CA VAL B 37 37.07 24.69 6.62
C VAL B 37 36.47 24.80 8.04
N SER B 38 36.45 26.02 8.57
CA SER B 38 35.93 26.25 9.91
C SER B 38 34.40 26.20 9.97
N LEU B 39 33.76 26.26 8.81
CA LEU B 39 32.30 26.14 8.74
C LEU B 39 31.87 24.69 8.91
N PHE B 40 32.82 23.78 8.78
CA PHE B 40 32.53 22.35 8.77
C PHE B 40 32.76 21.68 10.11
N GLN B 41 32.07 20.57 10.33
CA GLN B 41 32.34 19.72 11.47
C GLN B 41 33.67 19.04 11.24
N ASP B 42 34.39 18.73 12.32
CA ASP B 42 35.70 18.08 12.19
C ASP B 42 35.58 16.79 11.38
N SER B 43 34.55 16.01 11.67
CA SER B 43 34.34 14.73 11.00
C SER B 43 34.23 14.90 9.48
N GLN B 44 33.67 16.02 9.04
CA GLN B 44 33.48 16.29 7.63
C GLN B 44 34.73 16.85 6.97
N ALA B 45 35.56 17.54 7.75
CA ALA B 45 36.70 18.27 7.21
C ALA B 45 37.99 17.50 7.34
N VAL B 46 38.01 16.48 8.19
CA VAL B 46 39.23 15.73 8.46
C VAL B 46 39.70 14.89 7.26
N THR B 47 40.94 15.10 6.82
CA THR B 47 41.48 14.42 5.64
C THR B 47 42.81 13.71 5.86
N HIS B 48 43.38 13.82 7.05
CA HIS B 48 44.73 13.27 7.29
C HIS B 48 44.74 11.89 7.92
N ASN B 49 43.56 11.27 8.07
CA ASN B 49 43.47 9.92 8.64
C ASN B 49 43.41 8.84 7.57
N LYS B 50 44.17 7.78 7.76
CA LYS B 50 44.21 6.70 6.78
C LYS B 50 42.96 5.82 6.89
N ASN B 51 42.33 5.55 5.75
CA ASN B 51 41.30 4.53 5.68
C ASN B 51 42.00 3.18 5.84
N GLY B 52 41.81 2.55 7.00
CA GLY B 52 42.48 1.31 7.32
C GLY B 52 41.66 0.09 6.96
N PHE B 53 40.48 0.34 6.43
CA PHE B 53 39.57 -0.74 6.07
C PHE B 53 40.05 -1.39 4.78
N LYS B 54 40.02 -2.71 4.75
CA LYS B 54 40.48 -3.45 3.59
C LYS B 54 39.33 -4.25 3.04
N LEU B 55 39.44 -4.65 1.77
CA LEU B 55 38.39 -5.42 1.13
C LEU B 55 38.14 -6.72 1.86
N GLY B 56 36.87 -7.12 1.95
CA GLY B 56 36.52 -8.42 2.50
C GLY B 56 36.39 -8.48 4.01
N MET B 57 36.80 -7.42 4.68
CA MET B 57 36.68 -7.33 6.13
C MET B 57 35.21 -7.30 6.52
N LYS B 58 34.88 -7.92 7.64
CA LYS B 58 33.51 -7.96 8.08
C LYS B 58 33.33 -7.11 9.33
N LEU B 59 32.28 -6.29 9.32
CA LEU B 59 31.96 -5.47 10.48
C LEU B 59 30.46 -5.57 10.79
N GLU B 60 30.01 -4.82 11.78
CA GLU B 60 28.59 -4.65 12.06
C GLU B 60 28.21 -3.22 11.76
N GLY B 61 26.94 -2.98 11.44
CA GLY B 61 26.52 -1.63 11.09
C GLY B 61 25.03 -1.50 11.01
N ILE B 62 24.56 -0.25 11.00
CA ILE B 62 23.13 0.04 10.89
C ILE B 62 22.70 0.02 9.42
N ASP B 63 21.58 -0.62 9.15
CA ASP B 63 20.93 -0.45 7.87
C ASP B 63 20.48 1.01 7.81
N PRO B 64 20.97 1.77 6.83
CA PRO B 64 20.60 3.18 6.68
C PRO B 64 19.11 3.37 6.41
N GLN B 65 18.48 2.34 5.84
CA GLN B 65 17.06 2.36 5.53
C GLN B 65 16.24 2.08 6.78
N HIS B 66 16.91 1.59 7.81
CA HIS B 66 16.29 1.28 9.10
C HIS B 66 17.34 1.44 10.20
N PRO B 67 17.53 2.69 10.67
CA PRO B 67 18.60 3.12 11.58
C PRO B 67 18.58 2.45 12.96
N SER B 68 17.62 1.56 13.20
CA SER B 68 17.57 0.83 14.47
C SER B 68 18.00 -0.63 14.28
N MET B 69 18.27 -1.00 13.03
CA MET B 69 18.63 -2.38 12.70
C MET B 69 20.13 -2.52 12.54
N TYR B 70 20.67 -3.64 13.01
CA TYR B 70 22.09 -3.91 12.91
C TYR B 70 22.33 -5.19 12.10
N PHE B 71 23.18 -5.09 11.07
CA PHE B 71 23.44 -6.20 10.17
C PHE B 71 24.91 -6.56 10.18
N ILE B 72 25.24 -7.71 9.61
CA ILE B 72 26.62 -8.08 9.36
C ILE B 72 26.99 -7.54 7.99
N LEU B 73 28.02 -6.70 7.93
CA LEU B 73 28.40 -6.07 6.68
C LEU B 73 29.81 -6.45 6.27
N THR B 74 30.08 -6.45 4.97
CA THR B 74 31.42 -6.76 4.45
C THR B 74 31.91 -5.65 3.53
N VAL B 75 33.11 -5.15 3.77
CA VAL B 75 33.72 -4.15 2.90
C VAL B 75 33.85 -4.68 1.47
N ALA B 76 33.19 -4.01 0.53
CA ALA B 76 33.16 -4.48 -0.86
C ALA B 76 33.91 -3.55 -1.81
N GLU B 77 34.24 -2.35 -1.33
CA GLU B 77 35.02 -1.41 -2.14
C GLU B 77 35.47 -0.24 -1.28
N VAL B 78 36.73 0.15 -1.44
CA VAL B 78 37.25 1.31 -0.73
C VAL B 78 37.71 2.35 -1.73
N CYS B 79 37.39 3.62 -1.44
CA CYS B 79 37.72 4.72 -2.33
C CYS B 79 38.02 5.97 -1.52
N GLY B 80 39.30 6.26 -1.32
CA GLY B 80 39.67 7.39 -0.49
C GLY B 80 39.32 7.15 0.97
N TYR B 81 38.62 8.09 1.61
CA TYR B 81 38.27 7.96 3.01
C TYR B 81 36.87 7.38 3.16
N ARG B 82 36.47 6.60 2.16
CA ARG B 82 35.13 6.03 2.11
C ARG B 82 35.19 4.55 1.78
N LEU B 83 34.18 3.82 2.22
CA LEU B 83 34.06 2.40 1.92
C LEU B 83 32.63 2.04 1.55
N ARG B 84 32.48 1.11 0.61
CA ARG B 84 31.18 0.58 0.25
C ARG B 84 30.98 -0.70 1.04
N LEU B 85 29.82 -0.84 1.68
CA LEU B 85 29.57 -1.99 2.54
C LEU B 85 28.48 -2.89 1.98
N HIS B 86 28.72 -4.20 2.06
CA HIS B 86 27.78 -5.20 1.53
C HIS B 86 27.02 -5.88 2.65
N PHE B 87 25.77 -6.23 2.38
CA PHE B 87 24.91 -6.91 3.34
C PHE B 87 25.03 -8.42 3.20
N ASP B 88 25.89 -9.04 4.01
CA ASP B 88 26.12 -10.47 3.92
C ASP B 88 24.82 -11.27 3.81
N GLY B 89 24.69 -12.03 2.72
CA GLY B 89 23.52 -12.88 2.52
C GLY B 89 22.46 -12.27 1.62
N TYR B 90 22.51 -10.95 1.48
CA TYR B 90 21.51 -10.24 0.68
C TYR B 90 22.10 -9.73 -0.63
N SER B 91 21.30 -8.99 -1.39
CA SER B 91 21.70 -8.55 -2.72
C SER B 91 22.78 -7.47 -2.67
N GLU B 92 23.48 -7.30 -3.77
CA GLU B 92 24.51 -6.27 -3.88
C GLU B 92 23.89 -4.91 -4.22
N CYS B 93 22.57 -4.88 -4.33
CA CYS B 93 21.89 -3.64 -4.66
C CYS B 93 21.61 -2.81 -3.41
N HIS B 94 21.71 -3.46 -2.25
CA HIS B 94 21.46 -2.79 -0.98
C HIS B 94 22.71 -2.08 -0.47
N ASP B 95 23.82 -2.22 -1.20
CA ASP B 95 25.10 -1.65 -0.80
C ASP B 95 25.07 -0.14 -0.66
N PHE B 96 25.88 0.39 0.25
CA PHE B 96 25.87 1.81 0.53
C PHE B 96 27.26 2.28 0.93
N TRP B 97 27.47 3.58 0.84
CA TRP B 97 28.76 4.17 1.13
C TRP B 97 28.75 4.88 2.49
N VAL B 98 29.80 4.67 3.27
CA VAL B 98 30.00 5.38 4.53
C VAL B 98 31.39 5.95 4.48
N ASN B 99 31.74 6.82 5.43
CA ASN B 99 33.11 7.28 5.55
C ASN B 99 33.83 6.34 6.49
N ALA B 100 35.16 6.40 6.49
CA ALA B 100 35.94 5.54 7.38
C ALA B 100 35.73 5.94 8.83
N ASN B 101 35.43 7.23 9.05
CA ASN B 101 35.18 7.74 10.39
C ASN B 101 33.70 7.75 10.69
N SER B 102 33.00 6.76 10.16
CA SER B 102 31.57 6.63 10.39
C SER B 102 31.32 6.12 11.79
N PRO B 103 30.33 6.70 12.48
CA PRO B 103 29.95 6.25 13.83
C PRO B 103 28.79 5.26 13.80
N ASP B 104 28.33 4.92 12.61
CA ASP B 104 27.20 4.00 12.43
C ASP B 104 27.64 2.59 12.06
N ILE B 105 28.94 2.32 12.18
CA ILE B 105 29.50 0.98 12.08
C ILE B 105 30.30 0.64 13.33
N HIS B 106 30.39 -0.65 13.67
CA HIS B 106 31.01 -1.09 14.93
C HIS B 106 31.79 -2.41 14.74
N PRO B 107 32.73 -2.71 15.64
CA PRO B 107 33.56 -3.91 15.41
C PRO B 107 32.75 -5.19 15.64
N ALA B 108 33.13 -6.25 14.91
CA ALA B 108 32.49 -7.54 15.07
C ALA B 108 32.51 -7.96 16.53
N GLY B 109 31.35 -8.36 17.04
CA GLY B 109 31.22 -8.76 18.42
C GLY B 109 30.76 -7.62 19.31
N TRP B 110 30.30 -6.54 18.68
CA TRP B 110 29.88 -5.34 19.39
C TRP B 110 28.42 -5.46 19.84
N PHE B 111 27.57 -5.93 18.94
CA PHE B 111 26.14 -6.02 19.19
C PHE B 111 25.82 -6.81 20.46
N GLU B 112 26.70 -7.71 20.84
CA GLU B 112 26.45 -8.62 21.96
C GLU B 112 26.95 -8.04 23.30
N LYS B 113 28.07 -7.34 23.26
CA LYS B 113 28.67 -6.77 24.46
C LYS B 113 27.90 -5.54 24.94
N THR B 114 26.92 -5.12 24.15
CA THR B 114 26.22 -3.86 24.39
C THR B 114 24.70 -3.96 24.37
N GLY B 115 24.18 -5.11 23.99
CA GLY B 115 22.75 -5.35 24.06
C GLY B 115 21.96 -4.84 22.88
N HIS B 116 22.50 -5.03 21.68
CA HIS B 116 21.80 -4.70 20.44
C HIS B 116 21.47 -6.00 19.71
N LYS B 117 20.45 -5.99 18.88
CA LYS B 117 20.08 -7.18 18.14
C LYS B 117 20.70 -7.16 16.76
N LEU B 118 21.25 -8.30 16.35
CA LEU B 118 21.80 -8.44 15.00
C LEU B 118 20.83 -9.21 14.11
N GLN B 119 20.69 -8.76 12.87
CA GLN B 119 19.91 -9.52 11.90
C GLN B 119 20.89 -10.44 11.18
N PRO B 120 20.70 -11.77 11.33
CA PRO B 120 21.67 -12.72 10.77
C PRO B 120 21.75 -12.59 9.25
N PRO B 121 22.80 -13.16 8.66
CA PRO B 121 22.89 -13.23 7.20
C PRO B 121 21.77 -14.10 6.64
N LYS B 122 21.05 -13.59 5.65
CA LYS B 122 19.94 -14.28 5.00
C LYS B 122 20.09 -15.80 5.04
N GLY B 123 19.11 -16.46 5.66
CA GLY B 123 19.11 -17.92 5.74
C GLY B 123 19.56 -18.47 7.08
N TYR B 124 20.32 -17.67 7.83
CA TYR B 124 20.82 -18.10 9.13
C TYR B 124 19.71 -18.30 10.15
N PHE B 129 23.52 -17.10 15.54
CA PHE B 129 24.71 -16.63 14.83
C PHE B 129 25.91 -16.51 15.77
N SER B 130 27.05 -17.04 15.34
CA SER B 130 28.30 -16.89 16.08
C SER B 130 29.40 -16.34 15.18
N TRP B 131 30.11 -15.31 15.65
CA TRP B 131 31.14 -14.67 14.82
C TRP B 131 32.32 -15.59 14.55
N SER B 132 32.85 -16.21 15.60
CA SER B 132 33.97 -17.12 15.47
C SER B 132 33.64 -18.24 14.50
N GLN B 133 32.37 -18.66 14.53
CA GLN B 133 31.89 -19.75 13.69
C GLN B 133 31.70 -19.27 12.26
N TYR B 134 31.44 -17.97 12.12
CA TYR B 134 31.21 -17.36 10.83
C TYR B 134 32.54 -17.06 10.16
N LEU B 135 33.48 -16.52 10.91
CA LEU B 135 34.80 -16.16 10.38
C LEU B 135 35.63 -17.39 10.05
N ARG B 136 35.05 -18.55 10.24
CA ARG B 136 35.72 -19.78 10.01
C ARG B 136 35.12 -20.44 8.82
N SER B 137 33.85 -20.24 8.61
CA SER B 137 33.16 -20.68 7.40
C SER B 137 33.53 -19.77 6.22
N THR B 138 33.67 -18.48 6.50
CA THR B 138 33.93 -17.51 5.47
C THR B 138 35.42 -17.28 5.28
N ARG B 139 36.21 -17.72 6.26
CA ARG B 139 37.65 -17.49 6.25
C ARG B 139 37.95 -16.00 6.11
N ALA B 140 37.00 -15.18 6.55
CA ALA B 140 37.14 -13.74 6.46
C ALA B 140 38.00 -13.23 7.61
N GLN B 141 38.29 -11.93 7.55
CA GLN B 141 38.98 -11.24 8.63
C GLN B 141 38.10 -10.10 9.08
N ALA B 142 37.83 -10.03 10.38
CA ALA B 142 37.04 -8.94 10.93
C ALA B 142 37.89 -7.67 11.05
N ALA B 143 37.29 -6.52 10.74
CA ALA B 143 38.01 -5.26 10.82
C ALA B 143 38.47 -5.01 12.26
N PRO B 144 39.76 -4.72 12.44
CA PRO B 144 40.35 -4.49 13.76
C PRO B 144 39.58 -3.42 14.52
N LYS B 145 39.28 -3.67 15.79
CA LYS B 145 38.47 -2.77 16.58
C LYS B 145 38.92 -1.32 16.46
N HIS B 146 40.22 -1.11 16.38
CA HIS B 146 40.79 0.23 16.47
C HIS B 146 40.40 1.17 15.33
N LEU B 147 39.75 0.63 14.30
CA LEU B 147 39.32 1.43 13.15
C LEU B 147 38.05 2.24 13.45
N PHE B 148 37.34 1.84 14.51
CA PHE B 148 36.00 2.34 14.75
C PHE B 148 35.91 3.45 15.80
N VAL B 149 35.32 4.57 15.40
CA VAL B 149 35.15 5.70 16.28
C VAL B 149 34.11 5.40 17.37
N SER B 150 33.29 4.39 17.13
CA SER B 150 32.18 4.05 18.03
C SER B 150 32.18 2.58 18.43
N GLN B 151 32.34 2.33 19.73
CA GLN B 151 32.26 1.00 20.29
C GLN B 151 31.55 1.07 21.62
N SER B 152 30.76 2.13 21.80
CA SER B 152 30.02 2.40 23.02
C SER B 152 30.92 2.42 24.23
N HIS B 153 32.15 2.90 24.05
CA HIS B 153 33.12 3.01 25.13
C HIS B 153 33.12 4.43 25.73
N SER B 154 32.36 5.34 25.13
CA SER B 154 32.43 6.75 25.50
C SER B 154 31.23 7.24 26.32
N PRO B 155 31.30 8.48 26.83
CA PRO B 155 30.24 9.05 27.68
C PRO B 155 28.93 9.28 26.92
N PRO B 156 27.82 8.74 27.47
CA PRO B 156 26.51 8.77 26.84
C PRO B 156 25.96 10.19 26.74
N PRO B 157 24.85 10.37 26.01
CA PRO B 157 24.18 11.67 25.93
C PRO B 157 23.50 11.97 27.25
N LEU B 158 23.62 13.21 27.73
CA LEU B 158 23.10 13.54 29.05
C LEU B 158 21.59 13.78 29.04
N GLY B 159 20.88 13.04 29.89
CA GLY B 159 19.46 13.21 30.05
C GLY B 159 18.67 12.23 29.21
N PHE B 160 19.34 11.65 28.22
CA PHE B 160 18.68 10.76 27.27
C PHE B 160 18.93 9.30 27.61
N GLN B 161 18.03 8.74 28.39
CA GLN B 161 18.07 7.34 28.73
C GLN B 161 17.11 6.60 27.81
N VAL B 162 17.44 5.35 27.51
CA VAL B 162 16.58 4.50 26.69
C VAL B 162 15.21 4.37 27.34
N GLY B 163 14.16 4.50 26.53
CA GLY B 163 12.81 4.34 27.04
C GLY B 163 12.14 5.67 27.31
N MET B 164 12.95 6.70 27.54
CA MET B 164 12.42 8.02 27.80
C MET B 164 11.73 8.58 26.56
N LYS B 165 10.66 9.32 26.79
CA LYS B 165 9.88 9.87 25.68
C LYS B 165 10.13 11.36 25.49
N LEU B 166 9.89 11.82 24.27
CA LEU B 166 10.09 13.21 23.90
C LEU B 166 9.17 13.60 22.76
N GLU B 167 9.35 14.80 22.22
CA GLU B 167 8.65 15.24 21.02
C GLU B 167 9.69 15.46 19.94
N ALA B 168 9.49 14.86 18.78
CA ALA B 168 10.46 14.92 17.70
C ALA B 168 9.83 15.34 16.38
N VAL B 169 10.60 16.05 15.57
CA VAL B 169 10.16 16.41 14.23
C VAL B 169 10.44 15.28 13.25
N ASP B 170 9.42 14.87 12.50
CA ASP B 170 9.64 13.89 11.45
C ASP B 170 10.38 14.58 10.32
N ARG B 171 11.68 14.32 10.20
CA ARG B 171 12.49 14.95 9.16
C ARG B 171 12.02 14.60 7.76
N MET B 172 11.14 13.60 7.65
CA MET B 172 10.58 13.19 6.38
C MET B 172 9.27 13.91 6.12
N ASN B 173 8.67 14.42 7.20
CA ASN B 173 7.50 15.28 7.11
C ASN B 173 7.62 16.38 8.15
N PRO B 174 8.46 17.37 7.88
CA PRO B 174 8.95 18.36 8.85
C PRO B 174 7.85 19.06 9.65
N SER B 175 6.66 19.14 9.07
CA SER B 175 5.53 19.79 9.75
C SER B 175 4.99 18.91 10.87
N LEU B 176 5.34 17.64 10.82
CA LEU B 176 4.91 16.69 11.83
C LEU B 176 5.89 16.61 12.99
N VAL B 177 5.50 17.19 14.13
CA VAL B 177 6.20 16.98 15.38
C VAL B 177 5.41 15.93 16.15
N CYS B 178 5.98 14.75 16.32
CA CYS B 178 5.24 13.62 16.88
C CYS B 178 5.74 13.14 18.24
N VAL B 179 4.95 12.30 18.88
CA VAL B 179 5.34 11.63 20.11
C VAL B 179 6.42 10.60 19.78
N ALA B 180 7.59 10.72 20.42
CA ALA B 180 8.71 9.84 20.11
C ALA B 180 9.31 9.20 21.36
N SER B 181 10.14 8.18 21.16
CA SER B 181 10.82 7.51 22.27
C SER B 181 12.30 7.38 21.94
N VAL B 182 13.14 7.47 22.95
CA VAL B 182 14.56 7.13 22.77
C VAL B 182 14.66 5.61 22.80
N THR B 183 15.18 5.03 21.72
CA THR B 183 15.21 3.59 21.58
C THR B 183 16.61 3.02 21.56
N ASP B 184 17.60 3.85 21.25
CA ASP B 184 18.99 3.40 21.21
C ASP B 184 19.94 4.45 21.74
N VAL B 185 21.05 3.99 22.34
CA VAL B 185 22.08 4.87 22.86
C VAL B 185 23.46 4.33 22.53
N VAL B 186 24.18 5.02 21.67
CA VAL B 186 25.51 4.61 21.28
C VAL B 186 26.46 5.76 21.41
N ASP B 187 27.31 5.66 22.40
CA ASP B 187 28.29 6.69 22.65
C ASP B 187 27.60 8.01 22.95
N SER B 188 27.78 8.97 22.06
CA SER B 188 27.31 10.34 22.27
C SER B 188 25.96 10.60 21.62
N ARG B 189 25.45 9.60 20.89
CA ARG B 189 24.21 9.75 20.13
C ARG B 189 23.10 8.85 20.64
N PHE B 190 21.86 9.32 20.53
CA PHE B 190 20.69 8.50 20.80
C PHE B 190 19.83 8.34 19.53
N LEU B 191 18.92 7.40 19.56
CA LEU B 191 18.08 7.11 18.39
C LEU B 191 16.63 7.48 18.68
N VAL B 192 16.10 8.39 17.89
CA VAL B 192 14.73 8.86 18.08
C VAL B 192 13.75 8.01 17.28
N HIS B 193 12.83 7.36 17.99
CA HIS B 193 11.85 6.48 17.37
C HIS B 193 10.46 7.08 17.40
N PHE B 194 9.72 6.90 16.31
CA PHE B 194 8.35 7.38 16.24
C PHE B 194 7.36 6.28 16.61
N ASP B 195 6.74 6.43 17.76
CA ASP B 195 5.93 5.39 18.39
C ASP B 195 4.87 4.79 17.47
N ASN B 196 4.75 3.47 17.52
CA ASN B 196 3.78 2.72 16.71
C ASN B 196 4.13 2.63 15.22
N TRP B 197 5.13 3.40 14.80
CA TRP B 197 5.66 3.29 13.44
C TRP B 197 6.82 2.31 13.44
N ASP B 198 7.20 1.82 12.26
CA ASP B 198 8.45 1.09 12.15
C ASP B 198 9.57 2.09 12.31
N ASP B 199 10.78 1.76 11.84
CA ASP B 199 11.92 2.63 12.10
C ASP B 199 12.43 3.39 10.89
N THR B 200 11.63 3.47 9.83
CA THR B 200 12.08 4.18 8.62
C THR B 200 12.14 5.68 8.85
N TYR B 201 11.37 6.16 9.83
CA TYR B 201 11.34 7.57 10.18
C TYR B 201 12.27 7.86 11.37
N ASP B 202 12.78 6.79 11.98
CA ASP B 202 13.71 6.91 13.10
C ASP B 202 14.96 7.61 12.63
N TYR B 203 15.63 8.31 13.53
CA TYR B 203 16.90 8.95 13.19
C TYR B 203 17.81 9.18 14.39
N TRP B 204 19.11 9.10 14.14
CA TRP B 204 20.11 9.27 15.17
C TRP B 204 20.50 10.74 15.30
N CYS B 205 20.61 11.21 16.55
CA CYS B 205 21.08 12.56 16.80
C CYS B 205 21.63 12.69 18.21
N ASP B 206 21.98 13.92 18.58
CA ASP B 206 22.50 14.21 19.91
C ASP B 206 21.67 15.35 20.51
N PRO B 207 21.83 15.58 21.83
CA PRO B 207 21.06 16.63 22.51
C PRO B 207 20.89 17.91 21.69
N SER B 208 21.96 18.40 21.08
CA SER B 208 21.90 19.67 20.37
C SER B 208 20.95 19.65 19.18
N SER B 209 20.56 18.45 18.76
CA SER B 209 19.74 18.31 17.55
C SER B 209 18.58 19.28 17.51
N PRO B 210 18.47 20.06 16.42
CA PRO B 210 17.42 21.07 16.23
C PRO B 210 16.03 20.46 16.09
N TYR B 211 15.95 19.14 15.90
CA TYR B 211 14.68 18.49 15.57
C TYR B 211 13.96 17.86 16.78
N ILE B 212 14.61 17.88 17.93
CA ILE B 212 14.05 17.28 19.14
C ILE B 212 13.56 18.31 20.16
N HIS B 213 12.47 17.99 20.84
CA HIS B 213 11.87 18.87 21.84
C HIS B 213 11.35 18.07 23.02
N PRO B 214 11.24 18.72 24.18
CA PRO B 214 10.80 18.06 25.42
C PRO B 214 9.29 17.95 25.49
N VAL B 215 8.80 16.91 26.14
CA VAL B 215 7.37 16.73 26.35
C VAL B 215 6.70 18.05 26.72
N GLY B 216 5.57 18.33 26.10
CA GLY B 216 4.82 19.54 26.40
C GLY B 216 5.36 20.76 25.68
N TRP B 217 6.25 20.55 24.72
CA TRP B 217 6.79 21.66 23.93
C TRP B 217 5.81 22.09 22.86
N CYS B 218 5.10 21.14 22.26
CA CYS B 218 4.08 21.44 21.27
C CYS B 218 2.94 22.29 21.83
N GLN B 219 2.36 21.82 22.94
CA GLN B 219 1.30 22.56 23.61
C GLN B 219 1.78 23.93 24.07
N LYS B 220 3.00 23.99 24.54
CA LYS B 220 3.53 25.24 25.02
C LYS B 220 3.90 26.18 23.91
N GLN B 221 3.80 25.70 22.66
CA GLN B 221 4.13 26.50 21.48
C GLN B 221 2.92 26.78 20.59
N GLY B 222 1.84 26.05 20.81
CA GLY B 222 0.64 26.24 20.00
C GLY B 222 0.53 25.31 18.81
N LYS B 223 1.62 24.60 18.49
CA LYS B 223 1.60 23.63 17.41
C LYS B 223 0.92 22.33 17.85
N PRO B 224 0.29 21.62 16.90
CA PRO B 224 -0.33 20.33 17.19
C PRO B 224 0.71 19.23 17.41
N LEU B 225 0.37 18.23 18.23
CA LEU B 225 1.26 17.10 18.50
C LEU B 225 0.68 15.85 17.87
N THR B 226 1.40 15.26 16.92
CA THR B 226 0.94 14.04 16.27
C THR B 226 1.01 12.85 17.22
N PRO B 227 -0.15 12.38 17.70
CA PRO B 227 -0.18 11.22 18.59
C PRO B 227 0.48 10.01 17.93
N PRO B 228 0.87 9.01 18.72
CA PRO B 228 1.44 7.80 18.13
C PRO B 228 0.51 7.24 17.06
N GLN B 229 1.07 6.65 16.03
CA GLN B 229 0.26 6.07 14.96
C GLN B 229 -0.83 5.19 15.53
N ASP B 230 -2.07 5.47 15.16
CA ASP B 230 -3.20 4.64 15.57
C ASP B 230 -3.38 4.57 17.08
N TYR B 231 -3.02 5.64 17.78
CA TYR B 231 -3.29 5.71 19.20
C TYR B 231 -4.79 5.86 19.41
N PRO B 232 -5.39 4.90 20.13
CA PRO B 232 -6.84 4.89 20.42
C PRO B 232 -7.33 6.23 20.92
N ASP B 233 -8.19 6.88 20.15
CA ASP B 233 -8.66 8.21 20.49
C ASP B 233 -7.51 9.21 20.35
N PRO B 234 -7.12 9.53 19.12
CA PRO B 234 -6.07 10.52 18.91
C PRO B 234 -6.51 11.88 19.45
N ASP B 235 -7.78 11.97 19.82
CA ASP B 235 -8.38 13.22 20.28
C ASP B 235 -8.28 13.38 21.79
N ASN B 236 -7.95 12.30 22.49
CA ASN B 236 -7.73 12.37 23.93
C ASN B 236 -6.30 12.05 24.34
N PHE B 237 -5.36 12.20 23.41
CA PHE B 237 -3.97 11.93 23.75
C PHE B 237 -3.55 12.81 24.91
N CYS B 238 -2.83 12.21 25.86
CA CYS B 238 -2.42 12.90 27.07
C CYS B 238 -0.99 12.47 27.40
N TRP B 239 -0.06 13.42 27.41
CA TRP B 239 1.32 13.11 27.76
C TRP B 239 1.38 12.51 29.14
N GLU B 240 0.52 12.99 30.05
CA GLU B 240 0.51 12.52 31.43
C GLU B 240 0.00 11.09 31.50
N LYS B 241 -1.11 10.82 30.84
CA LYS B 241 -1.71 9.49 30.84
C LYS B 241 -0.85 8.54 30.04
N TYR B 242 -0.35 9.02 28.90
CA TYR B 242 0.48 8.21 28.01
C TYR B 242 1.80 7.82 28.70
N LEU B 243 2.52 8.81 29.22
CA LEU B 243 3.72 8.53 29.98
C LEU B 243 3.44 7.53 31.09
N GLU B 244 2.32 7.70 31.78
CA GLU B 244 1.97 6.85 32.88
C GLU B 244 1.55 5.45 32.45
N GLU B 245 0.81 5.35 31.34
CA GLU B 245 0.33 4.05 30.88
C GLU B 245 1.38 3.28 30.09
N THR B 246 2.44 3.95 29.67
CA THR B 246 3.55 3.29 28.98
C THR B 246 4.69 3.00 29.95
N GLY B 247 4.54 3.46 31.19
CA GLY B 247 5.56 3.30 32.21
C GLY B 247 6.82 4.10 31.92
N ALA B 248 6.69 5.15 31.13
CA ALA B 248 7.85 5.88 30.65
C ALA B 248 8.06 7.21 31.37
N SER B 249 9.29 7.74 31.26
CA SER B 249 9.63 9.06 31.77
C SER B 249 9.97 9.97 30.61
N ALA B 250 9.87 11.27 30.82
CA ALA B 250 10.15 12.25 29.77
C ALA B 250 11.56 12.82 29.90
N VAL B 251 12.31 12.81 28.81
CA VAL B 251 13.64 13.42 28.79
C VAL B 251 13.55 14.82 29.39
N PRO B 252 14.37 15.09 30.41
CA PRO B 252 14.31 16.37 31.15
C PRO B 252 14.59 17.55 30.24
N THR B 253 13.87 18.64 30.43
CA THR B 253 13.99 19.80 29.55
C THR B 253 15.38 20.39 29.61
N TRP B 254 16.12 20.07 30.66
CA TRP B 254 17.48 20.60 30.83
C TRP B 254 18.48 19.83 29.98
N ALA B 255 18.06 18.67 29.49
CA ALA B 255 18.92 17.82 28.68
C ALA B 255 19.09 18.39 27.27
N PHE B 256 18.02 18.99 26.76
CA PHE B 256 18.01 19.52 25.41
C PHE B 256 18.92 20.74 25.30
N LYS B 257 19.84 20.71 24.34
CA LYS B 257 20.81 21.78 24.17
C LYS B 257 20.62 22.49 22.83
N VAL B 258 21.17 23.70 22.74
CA VAL B 258 20.97 24.55 21.57
C VAL B 258 22.09 24.35 20.54
N ARG B 259 21.70 24.10 19.30
CA ARG B 259 22.69 24.00 18.23
C ARG B 259 22.72 25.32 17.46
N PRO B 260 23.84 26.04 17.57
CA PRO B 260 24.03 27.31 16.85
C PRO B 260 23.90 27.11 15.34
N PRO B 261 23.17 28.00 14.65
CA PRO B 261 23.06 27.89 13.19
C PRO B 261 24.44 27.96 12.57
N HIS B 262 24.64 27.23 11.47
CA HIS B 262 25.93 27.24 10.79
C HIS B 262 26.21 28.62 10.23
N SER B 263 27.43 28.84 9.76
CA SER B 263 27.81 30.13 9.21
C SER B 263 28.00 30.05 7.70
N PHE B 264 27.42 29.01 7.08
CA PHE B 264 27.51 28.87 5.63
C PHE B 264 26.79 30.01 4.93
N LEU B 265 27.47 30.61 3.96
CA LEU B 265 26.86 31.67 3.14
C LEU B 265 26.61 31.15 1.74
N VAL B 266 25.65 31.78 1.06
CA VAL B 266 25.27 31.37 -0.30
C VAL B 266 26.41 31.62 -1.28
N ASN B 267 26.48 30.78 -2.32
CA ASN B 267 27.48 30.90 -3.38
C ASN B 267 28.80 30.23 -3.04
N MET B 268 29.06 30.03 -1.75
CA MET B 268 30.22 29.26 -1.31
C MET B 268 30.21 27.90 -1.99
N LYS B 269 31.39 27.39 -2.30
CA LYS B 269 31.50 26.11 -2.99
C LYS B 269 32.14 25.05 -2.10
N LEU B 270 31.67 23.82 -2.25
CA LEU B 270 32.21 22.70 -1.49
C LEU B 270 32.19 21.44 -2.34
N GLU B 271 32.40 20.30 -1.69
CA GLU B 271 32.23 19.01 -2.33
C GLU B 271 31.17 18.24 -1.56
N ALA B 272 30.24 17.62 -2.28
CA ALA B 272 29.12 16.93 -1.65
C ALA B 272 28.76 15.65 -2.39
N VAL B 273 28.57 14.57 -1.64
CA VAL B 273 28.23 13.28 -2.23
C VAL B 273 26.98 13.40 -3.06
N ASP B 274 26.99 12.79 -4.25
CA ASP B 274 25.83 12.76 -5.12
C ASP B 274 24.79 11.79 -4.57
N ARG B 275 23.54 12.23 -4.51
CA ARG B 275 22.47 11.44 -3.90
C ARG B 275 21.92 10.36 -4.83
N ARG B 276 21.85 10.67 -6.12
CA ARG B 276 21.35 9.74 -7.12
C ARG B 276 22.42 8.70 -7.44
N ASN B 277 23.53 8.77 -6.72
CA ASN B 277 24.63 7.85 -6.87
C ASN B 277 25.69 8.15 -5.81
N PRO B 278 25.55 7.52 -4.63
CA PRO B 278 26.37 7.79 -3.45
C PRO B 278 27.88 7.63 -3.69
N ALA B 279 28.26 6.94 -4.76
CA ALA B 279 29.65 6.67 -5.05
C ALA B 279 30.42 7.90 -5.51
N LEU B 280 29.71 8.85 -6.12
CA LEU B 280 30.35 10.05 -6.67
C LEU B 280 30.37 11.22 -5.69
N ILE B 281 31.28 12.15 -5.93
CA ILE B 281 31.34 13.39 -5.17
C ILE B 281 31.57 14.53 -6.16
N ARG B 282 30.80 15.61 -6.03
CA ARG B 282 30.78 16.65 -7.04
C ARG B 282 31.14 18.04 -6.53
N VAL B 283 31.57 18.89 -7.45
CA VAL B 283 31.67 20.33 -7.19
C VAL B 283 30.25 20.82 -6.93
N ALA B 284 30.06 21.54 -5.82
CA ALA B 284 28.73 22.00 -5.45
C ALA B 284 28.77 23.37 -4.79
N SER B 285 27.64 24.07 -4.81
CA SER B 285 27.55 25.40 -4.23
C SER B 285 26.41 25.46 -3.23
N VAL B 286 26.54 26.38 -2.28
CA VAL B 286 25.46 26.64 -1.33
C VAL B 286 24.39 27.46 -2.03
N GLU B 287 23.34 26.79 -2.48
CA GLU B 287 22.23 27.44 -3.19
C GLU B 287 21.44 28.36 -2.26
N ASP B 288 20.94 27.79 -1.18
CA ASP B 288 20.18 28.54 -0.19
C ASP B 288 20.57 28.07 1.21
N VAL B 289 20.13 28.79 2.24
CA VAL B 289 20.49 28.43 3.62
C VAL B 289 19.31 28.52 4.60
N GLU B 290 19.42 27.79 5.71
CA GLU B 290 18.56 27.99 6.86
C GLU B 290 19.46 28.15 8.08
N ASP B 291 18.90 27.92 9.26
CA ASP B 291 19.71 27.90 10.47
C ASP B 291 20.52 26.62 10.51
N HIS B 292 19.89 25.52 10.12
CA HIS B 292 20.49 24.20 10.29
C HIS B 292 20.55 23.38 9.01
N ARG B 293 19.97 23.89 7.93
CA ARG B 293 20.02 23.18 6.65
C ARG B 293 20.83 23.94 5.59
N ILE B 294 21.06 23.28 4.46
CA ILE B 294 21.89 23.82 3.38
C ILE B 294 21.44 23.28 2.03
N LYS B 295 21.21 24.17 1.08
CA LYS B 295 20.88 23.74 -0.27
C LYS B 295 22.14 23.54 -1.09
N ILE B 296 22.38 22.30 -1.52
CA ILE B 296 23.53 21.99 -2.36
C ILE B 296 23.11 22.00 -3.82
N HIS B 297 23.77 22.85 -4.62
CA HIS B 297 23.60 22.83 -6.06
C HIS B 297 24.84 22.25 -6.71
N PHE B 298 24.67 21.26 -7.59
CA PHE B 298 25.78 20.71 -8.33
C PHE B 298 26.09 21.57 -9.56
N ASP B 299 27.28 22.15 -9.59
CA ASP B 299 27.66 23.11 -10.62
C ASP B 299 27.63 22.56 -12.04
N GLY B 300 27.05 23.33 -12.95
CA GLY B 300 26.90 22.91 -14.33
C GLY B 300 25.66 22.07 -14.55
N TRP B 301 25.10 21.54 -13.46
CA TRP B 301 23.92 20.68 -13.51
C TRP B 301 22.65 21.48 -13.28
N SER B 302 21.52 20.88 -13.64
CA SER B 302 20.22 21.53 -13.47
C SER B 302 19.94 21.77 -11.99
N HIS B 303 19.03 22.69 -11.71
CA HIS B 303 18.68 23.03 -10.33
C HIS B 303 17.63 22.08 -9.75
N GLY B 304 16.95 21.35 -10.63
CA GLY B 304 15.96 20.38 -10.20
C GLY B 304 16.60 19.23 -9.45
N TYR B 305 17.93 19.29 -9.34
CA TYR B 305 18.70 18.28 -8.63
C TYR B 305 19.11 18.79 -7.27
N ASP B 306 19.00 20.10 -7.09
CA ASP B 306 19.36 20.70 -5.80
C ASP B 306 18.62 19.99 -4.68
N PHE B 307 19.27 19.88 -3.53
CA PHE B 307 18.68 19.17 -2.41
C PHE B 307 19.00 19.87 -1.09
N TRP B 308 18.08 19.78 -0.14
CA TRP B 308 18.36 20.24 1.21
C TRP B 308 19.05 19.10 1.98
N ILE B 309 20.13 19.46 2.68
CA ILE B 309 20.87 18.51 3.48
C ILE B 309 21.19 19.19 4.78
N ASP B 310 21.39 18.43 5.84
CA ASP B 310 21.77 19.00 7.12
C ASP B 310 23.22 19.45 7.09
N ALA B 311 23.47 20.65 7.61
CA ALA B 311 24.81 21.21 7.62
C ALA B 311 25.81 20.35 8.38
N ASP B 312 25.30 19.41 9.20
CA ASP B 312 26.16 18.52 9.97
C ASP B 312 26.20 17.10 9.37
N HIS B 313 25.51 16.93 8.25
CA HIS B 313 25.49 15.66 7.54
C HIS B 313 26.88 15.25 7.11
N PRO B 314 27.24 13.97 7.32
CA PRO B 314 28.60 13.49 7.06
C PRO B 314 28.99 13.49 5.58
N ASP B 315 28.05 13.75 4.69
CA ASP B 315 28.31 13.68 3.25
C ASP B 315 28.57 15.02 2.56
N ILE B 316 29.01 16.02 3.31
CA ILE B 316 29.49 17.27 2.72
C ILE B 316 30.88 17.62 3.26
N HIS B 317 31.74 18.11 2.38
CA HIS B 317 33.14 18.34 2.74
C HIS B 317 33.65 19.62 2.08
N PRO B 318 34.74 20.18 2.64
CA PRO B 318 35.37 21.39 2.11
C PRO B 318 36.07 21.08 0.80
N ALA B 319 36.24 22.09 -0.05
CA ALA B 319 36.98 21.91 -1.28
C ALA B 319 38.39 21.50 -0.95
N GLY B 320 38.85 20.41 -1.56
CA GLY B 320 40.17 19.88 -1.29
C GLY B 320 40.12 18.57 -0.52
N TRP B 321 38.93 18.23 -0.04
CA TRP B 321 38.73 16.98 0.70
C TRP B 321 38.99 15.78 -0.20
N CYS B 322 38.34 15.74 -1.37
CA CYS B 322 38.50 14.65 -2.33
C CYS B 322 39.94 14.45 -2.76
N SER B 323 40.64 15.56 -2.99
CA SER B 323 42.02 15.49 -3.45
C SER B 323 42.92 14.97 -2.34
N LYS B 324 42.67 15.44 -1.12
CA LYS B 324 43.52 15.11 0.02
C LYS B 324 43.31 13.69 0.55
N THR B 325 42.21 13.07 0.16
CA THR B 325 41.91 11.72 0.62
C THR B 325 42.04 10.67 -0.48
N GLY B 326 42.16 11.12 -1.73
CA GLY B 326 42.38 10.21 -2.84
C GLY B 326 41.08 9.71 -3.44
N HIS B 327 40.04 10.52 -3.28
CA HIS B 327 38.74 10.21 -3.84
C HIS B 327 38.58 11.11 -5.05
N PRO B 328 38.13 10.54 -6.16
CA PRO B 328 37.92 11.32 -7.39
C PRO B 328 36.84 12.39 -7.20
N LEU B 329 37.05 13.54 -7.83
CA LEU B 329 36.09 14.64 -7.76
C LEU B 329 35.47 14.92 -9.12
N GLN B 330 34.14 15.04 -9.17
CA GLN B 330 33.44 15.33 -10.41
C GLN B 330 33.41 16.82 -10.67
N PRO B 331 34.11 17.28 -11.71
CA PRO B 331 34.05 18.70 -12.06
C PRO B 331 32.62 19.08 -12.46
N PRO B 332 32.33 20.38 -12.55
CA PRO B 332 31.02 20.82 -13.02
C PRO B 332 30.71 20.28 -14.41
N LEU B 333 29.42 20.15 -14.73
CA LEU B 333 28.99 19.67 -16.03
C LEU B 333 29.74 20.40 -17.15
N TRP C 21 -23.35 -31.20 9.80
CA TRP C 21 -22.92 -29.97 9.15
C TRP C 21 -23.60 -29.79 7.80
N SER C 22 -23.84 -28.54 7.43
CA SER C 22 -24.48 -28.20 6.16
C SER C 22 -24.08 -26.80 5.69
N TRP C 23 -24.11 -26.59 4.38
CA TRP C 23 -23.88 -25.26 3.82
C TRP C 23 -24.95 -24.30 4.29
N GLU C 24 -26.21 -24.73 4.23
CA GLU C 24 -27.34 -23.87 4.59
C GLU C 24 -27.28 -23.39 6.04
N SER C 25 -26.93 -24.28 6.95
CA SER C 25 -26.78 -23.90 8.36
C SER C 25 -25.55 -23.03 8.55
N TYR C 26 -24.48 -23.32 7.81
CA TYR C 26 -23.21 -22.61 7.94
C TYR C 26 -23.21 -21.24 7.26
N LEU C 27 -23.82 -21.17 6.08
CA LEU C 27 -24.01 -19.89 5.40
C LEU C 27 -25.02 -19.05 6.16
N GLU C 28 -25.88 -19.73 6.92
CA GLU C 28 -26.91 -19.06 7.72
C GLU C 28 -26.33 -18.49 9.00
N GLU C 29 -25.45 -19.27 9.64
CA GLU C 29 -24.85 -18.84 10.90
C GLU C 29 -23.68 -17.89 10.68
N GLN C 30 -23.29 -17.69 9.43
CA GLN C 30 -22.13 -16.87 9.08
C GLN C 30 -22.50 -15.63 8.27
N LYS C 31 -23.76 -15.55 7.85
CA LYS C 31 -24.26 -14.39 7.10
C LYS C 31 -23.58 -14.19 5.74
N ALA C 32 -22.96 -15.24 5.21
CA ALA C 32 -22.24 -15.13 3.94
C ALA C 32 -23.00 -15.77 2.79
N ILE C 33 -22.44 -15.67 1.59
CA ILE C 33 -23.02 -16.30 0.42
C ILE C 33 -21.97 -17.09 -0.36
N THR C 34 -22.43 -17.96 -1.25
CA THR C 34 -21.53 -18.78 -2.06
C THR C 34 -21.35 -18.18 -3.46
N ALA C 35 -20.15 -18.35 -4.01
CA ALA C 35 -19.91 -17.94 -5.38
C ALA C 35 -20.98 -18.56 -6.26
N PRO C 36 -21.69 -17.72 -7.03
CA PRO C 36 -22.71 -18.21 -7.96
C PRO C 36 -22.11 -19.19 -8.95
N VAL C 37 -22.82 -20.29 -9.23
CA VAL C 37 -22.38 -21.31 -10.17
C VAL C 37 -21.94 -20.71 -11.51
N SER C 38 -22.49 -19.55 -11.84
CA SER C 38 -22.18 -18.88 -13.12
C SER C 38 -20.79 -18.24 -13.13
N LEU C 39 -20.19 -18.08 -11.94
CA LEU C 39 -18.83 -17.54 -11.86
C LEU C 39 -17.82 -18.60 -12.23
N PHE C 40 -18.26 -19.85 -12.28
CA PHE C 40 -17.36 -20.99 -12.49
C PHE C 40 -17.33 -21.47 -13.94
N GLN C 41 -16.22 -22.10 -14.30
CA GLN C 41 -16.13 -22.79 -15.58
C GLN C 41 -17.02 -24.02 -15.49
N ASP C 42 -17.58 -24.44 -16.63
CA ASP C 42 -18.44 -25.61 -16.66
C ASP C 42 -17.73 -26.83 -16.06
N SER C 43 -16.47 -27.01 -16.44
CA SER C 43 -15.69 -28.15 -15.98
C SER C 43 -15.62 -28.21 -14.46
N GLN C 44 -15.61 -27.03 -13.84
CA GLN C 44 -15.48 -26.93 -12.39
C GLN C 44 -16.82 -27.11 -11.70
N ALA C 45 -17.89 -26.74 -12.39
CA ALA C 45 -19.21 -26.69 -11.78
C ALA C 45 -20.03 -27.93 -12.08
N VAL C 46 -19.63 -28.69 -13.09
CA VAL C 46 -20.40 -29.86 -13.52
C VAL C 46 -20.40 -30.99 -12.48
N THR C 47 -21.59 -31.43 -12.06
CA THR C 47 -21.71 -32.46 -11.02
C THR C 47 -22.59 -33.66 -11.41
N HIS C 48 -23.20 -33.62 -12.59
CA HIS C 48 -24.17 -34.66 -12.95
C HIS C 48 -23.58 -35.79 -13.80
N ASN C 49 -22.27 -35.78 -13.99
CA ASN C 49 -21.60 -36.84 -14.77
C ASN C 49 -21.04 -37.91 -13.89
N LYS C 50 -21.25 -39.18 -14.28
CA LYS C 50 -20.76 -40.30 -13.51
C LYS C 50 -19.27 -40.52 -13.71
N ASN C 51 -18.54 -40.67 -12.60
CA ASN C 51 -17.17 -41.11 -12.65
C ASN C 51 -17.21 -42.58 -13.06
N GLY C 52 -16.81 -42.86 -14.29
CA GLY C 52 -16.86 -44.20 -14.83
C GLY C 52 -15.55 -44.95 -14.66
N PHE C 53 -14.57 -44.29 -14.08
CA PHE C 53 -13.27 -44.89 -13.84
C PHE C 53 -13.36 -45.89 -12.70
N LYS C 54 -12.76 -47.05 -12.89
CA LYS C 54 -12.79 -48.09 -11.87
C LYS C 54 -11.38 -48.36 -11.41
N LEU C 55 -11.26 -48.98 -10.24
CA LEU C 55 -9.96 -49.31 -9.67
C LEU C 55 -9.18 -50.25 -10.59
N GLY C 56 -7.88 -50.01 -10.71
CA GLY C 56 -7.00 -50.91 -11.44
C GLY C 56 -6.90 -50.64 -12.93
N MET C 57 -7.79 -49.80 -13.45
CA MET C 57 -7.77 -49.41 -14.85
C MET C 57 -6.48 -48.67 -15.17
N LYS C 58 -5.95 -48.90 -16.37
CA LYS C 58 -4.73 -48.25 -16.77
C LYS C 58 -5.00 -47.20 -17.84
N LEU C 59 -4.43 -46.02 -17.66
CA LEU C 59 -4.54 -44.96 -18.64
C LEU C 59 -3.18 -44.32 -18.90
N GLU C 60 -3.14 -43.31 -19.76
CA GLU C 60 -1.95 -42.49 -19.95
C GLU C 60 -2.24 -41.09 -19.42
N GLY C 61 -1.20 -40.37 -19.02
CA GLY C 61 -1.40 -39.06 -18.45
C GLY C 61 -0.11 -38.28 -18.28
N ILE C 62 -0.26 -36.99 -18.07
CA ILE C 62 0.89 -36.12 -17.87
C ILE C 62 1.35 -36.20 -16.41
N ASP C 63 2.66 -36.28 -16.21
CA ASP C 63 3.21 -36.04 -14.89
C ASP C 63 2.96 -34.58 -14.57
N PRO C 64 2.21 -34.29 -13.49
CA PRO C 64 1.92 -32.90 -13.10
C PRO C 64 3.18 -32.11 -12.74
N GLN C 65 4.23 -32.82 -12.32
CA GLN C 65 5.51 -32.23 -11.97
C GLN C 65 6.33 -31.92 -13.20
N HIS C 66 5.90 -32.47 -14.33
CA HIS C 66 6.53 -32.25 -15.64
C HIS C 66 5.48 -32.40 -16.72
N PRO C 67 4.73 -31.32 -16.99
CA PRO C 67 3.54 -31.29 -17.86
C PRO C 67 3.81 -31.62 -19.34
N SER C 68 5.06 -31.94 -19.69
CA SER C 68 5.37 -32.38 -21.06
C SER C 68 5.64 -33.88 -21.12
N MET C 69 5.63 -34.54 -19.95
CA MET C 69 5.93 -35.96 -19.86
C MET C 69 4.64 -36.78 -19.78
N TYR C 70 4.63 -37.92 -20.44
CA TYR C 70 3.49 -38.81 -20.44
C TYR C 70 3.87 -40.17 -19.85
N PHE C 71 3.11 -40.61 -18.84
CA PHE C 71 3.40 -41.86 -18.15
C PHE C 71 2.24 -42.84 -18.27
N ILE C 72 2.50 -44.10 -17.92
CA ILE C 72 1.43 -45.08 -17.77
C ILE C 72 0.90 -44.99 -16.35
N LEU C 73 -0.38 -44.71 -16.20
CA LEU C 73 -0.94 -44.51 -14.87
C LEU C 73 -2.02 -45.55 -14.60
N THR C 74 -2.21 -45.90 -13.33
CA THR C 74 -3.24 -46.83 -12.92
C THR C 74 -4.13 -46.22 -11.84
N VAL C 75 -5.45 -46.29 -12.04
CA VAL C 75 -6.42 -45.81 -11.03
C VAL C 75 -6.23 -46.56 -9.72
N ALA C 76 -5.90 -45.83 -8.65
CA ALA C 76 -5.62 -46.46 -7.36
C ALA C 76 -6.66 -46.13 -6.32
N GLU C 77 -7.51 -45.15 -6.61
CA GLU C 77 -8.58 -44.78 -5.70
C GLU C 77 -9.54 -43.81 -6.36
N VAL C 78 -10.84 -44.06 -6.21
CA VAL C 78 -11.86 -43.16 -6.73
C VAL C 78 -12.69 -42.58 -5.58
N CYS C 79 -12.96 -41.29 -5.65
CA CYS C 79 -13.70 -40.60 -4.61
C CYS C 79 -14.57 -39.49 -5.20
N GLY C 80 -15.85 -39.77 -5.40
CA GLY C 80 -16.72 -38.82 -6.06
C GLY C 80 -16.36 -38.65 -7.52
N TYR C 81 -16.19 -37.41 -7.97
CA TYR C 81 -15.87 -37.16 -9.37
C TYR C 81 -14.36 -37.02 -9.55
N ARG C 82 -13.62 -37.68 -8.67
CA ARG C 82 -12.17 -37.60 -8.68
C ARG C 82 -11.55 -38.99 -8.60
N LEU C 83 -10.34 -39.11 -9.12
CA LEU C 83 -9.60 -40.36 -9.04
C LEU C 83 -8.14 -40.10 -8.67
N ARG C 84 -7.57 -41.01 -7.87
CA ARG C 84 -6.16 -40.95 -7.55
C ARG C 84 -5.42 -41.86 -8.53
N LEU C 85 -4.35 -41.35 -9.14
CA LEU C 85 -3.64 -42.09 -10.18
C LEU C 85 -2.25 -42.51 -9.73
N HIS C 86 -1.89 -43.75 -10.01
CA HIS C 86 -0.58 -44.31 -9.64
C HIS C 86 0.38 -44.37 -10.83
N PHE C 87 1.66 -44.17 -10.56
CA PHE C 87 2.68 -44.24 -11.60
C PHE C 87 3.24 -45.65 -11.71
N ASP C 88 2.71 -46.45 -12.63
CA ASP C 88 3.16 -47.84 -12.78
C ASP C 88 4.69 -47.97 -12.74
N GLY C 89 5.18 -48.77 -11.80
CA GLY C 89 6.60 -49.05 -11.68
C GLY C 89 7.32 -48.18 -10.67
N TYR C 90 6.71 -47.05 -10.31
CA TYR C 90 7.31 -46.10 -9.38
C TYR C 90 6.61 -46.14 -8.03
N SER C 91 7.02 -45.24 -7.14
CA SER C 91 6.52 -45.24 -5.77
C SER C 91 5.08 -44.75 -5.69
N GLU C 92 4.41 -45.10 -4.60
CA GLU C 92 3.04 -44.66 -4.36
C GLU C 92 3.00 -43.24 -3.78
N CYS C 93 4.18 -42.64 -3.61
CA CYS C 93 4.25 -41.28 -3.06
C CYS C 93 4.09 -40.24 -4.15
N HIS C 94 4.25 -40.67 -5.40
CA HIS C 94 4.12 -39.77 -6.55
C HIS C 94 2.65 -39.63 -6.99
N ASP C 95 1.76 -40.37 -6.34
CA ASP C 95 0.34 -40.38 -6.67
C ASP C 95 -0.30 -39.01 -6.57
N PHE C 96 -1.31 -38.76 -7.41
CA PHE C 96 -1.94 -37.45 -7.46
C PHE C 96 -3.42 -37.60 -7.79
N TRP C 97 -4.18 -36.54 -7.52
CA TRP C 97 -5.61 -36.56 -7.77
C TRP C 97 -5.95 -35.72 -8.99
N VAL C 98 -6.83 -36.25 -9.84
CA VAL C 98 -7.37 -35.50 -10.97
C VAL C 98 -8.88 -35.62 -10.88
N ASN C 99 -9.62 -34.86 -11.71
CA ASN C 99 -11.05 -35.04 -11.79
C ASN C 99 -11.31 -36.05 -12.88
N ALA C 100 -12.53 -36.59 -12.93
CA ALA C 100 -12.89 -37.55 -13.97
C ALA C 100 -12.94 -36.87 -15.33
N ASN C 101 -13.25 -35.57 -15.33
CA ASN C 101 -13.31 -34.79 -16.54
C ASN C 101 -11.99 -34.07 -16.77
N SER C 102 -10.90 -34.72 -16.40
CA SER C 102 -9.57 -34.17 -16.60
C SER C 102 -9.17 -34.28 -18.06
N PRO C 103 -8.57 -33.21 -18.63
CA PRO C 103 -8.09 -33.22 -20.01
C PRO C 103 -6.62 -33.59 -20.09
N ASP C 104 -6.00 -33.86 -18.94
CA ASP C 104 -4.58 -34.20 -18.88
C ASP C 104 -4.34 -35.71 -18.75
N ILE C 105 -5.38 -36.49 -18.96
CA ILE C 105 -5.26 -37.94 -19.09
C ILE C 105 -5.89 -38.38 -20.42
N HIS C 106 -5.43 -39.52 -20.96
CA HIS C 106 -5.84 -39.97 -22.29
C HIS C 106 -5.97 -41.51 -22.32
N PRO C 107 -6.70 -42.06 -23.31
CA PRO C 107 -6.89 -43.51 -23.32
C PRO C 107 -5.61 -44.26 -23.72
N ALA C 108 -5.43 -45.47 -23.20
CA ALA C 108 -4.28 -46.29 -23.53
C ALA C 108 -4.18 -46.42 -25.05
N GLY C 109 -2.98 -46.18 -25.57
CA GLY C 109 -2.73 -46.25 -26.99
C GLY C 109 -2.86 -44.91 -27.67
N TRP C 110 -2.90 -43.86 -26.86
CA TRP C 110 -3.08 -42.50 -27.36
C TRP C 110 -1.75 -41.89 -27.77
N PHE C 111 -0.75 -42.06 -26.92
CA PHE C 111 0.56 -41.45 -27.12
C PHE C 111 1.17 -41.81 -28.48
N GLU C 112 0.74 -42.93 -29.04
CA GLU C 112 1.33 -43.44 -30.29
C GLU C 112 0.58 -42.94 -31.52
N LYS C 113 -0.74 -42.82 -31.42
CA LYS C 113 -1.58 -42.39 -32.54
C LYS C 113 -1.46 -40.89 -32.77
N THR C 114 -0.74 -40.21 -31.88
CA THR C 114 -0.68 -38.76 -31.90
C THR C 114 0.74 -38.19 -31.85
N GLY C 115 1.72 -39.04 -31.63
CA GLY C 115 3.10 -38.59 -31.71
C GLY C 115 3.61 -37.95 -30.44
N HIS C 116 3.28 -38.57 -29.30
CA HIS C 116 3.81 -38.17 -28.01
C HIS C 116 4.70 -39.28 -27.48
N LYS C 117 5.64 -38.93 -26.62
CA LYS C 117 6.54 -39.92 -26.04
C LYS C 117 6.02 -40.41 -24.71
N LEU C 118 6.04 -41.73 -24.51
CA LEU C 118 5.68 -42.33 -23.23
C LEU C 118 6.94 -42.70 -22.45
N GLN C 119 6.93 -42.45 -21.14
CA GLN C 119 7.99 -42.94 -20.27
C GLN C 119 7.55 -44.29 -19.75
N PRO C 120 8.28 -45.36 -20.10
CA PRO C 120 7.87 -46.72 -19.75
C PRO C 120 7.81 -46.89 -18.24
N PRO C 121 7.14 -47.94 -17.78
CA PRO C 121 7.15 -48.28 -16.35
C PRO C 121 8.56 -48.64 -15.91
N LYS C 122 9.00 -48.04 -14.81
CA LYS C 122 10.33 -48.26 -14.27
C LYS C 122 10.86 -49.66 -14.59
N GLY C 123 12.02 -49.70 -15.22
CA GLY C 123 12.69 -50.96 -15.55
C GLY C 123 12.49 -51.44 -16.98
N TYR C 124 11.41 -50.98 -17.61
CA TYR C 124 11.10 -51.38 -18.99
C TYR C 124 12.15 -50.89 -19.98
N PHE C 129 7.98 -50.64 -25.22
CA PHE C 129 6.73 -50.87 -24.49
C PHE C 129 5.57 -51.13 -25.44
N SER C 130 4.79 -52.16 -25.14
CA SER C 130 3.59 -52.47 -25.90
C SER C 130 2.40 -52.63 -24.97
N TRP C 131 1.28 -51.98 -25.29
CA TRP C 131 0.12 -52.00 -24.41
C TRP C 131 -0.52 -53.39 -24.33
N SER C 132 -0.75 -54.00 -25.49
CA SER C 132 -1.35 -55.32 -25.54
C SER C 132 -0.51 -56.32 -24.77
N GLN C 133 0.82 -56.12 -24.81
CA GLN C 133 1.76 -56.99 -24.14
C GLN C 133 1.77 -56.71 -22.65
N TYR C 134 1.44 -55.48 -22.29
CA TYR C 134 1.42 -55.04 -20.90
C TYR C 134 0.12 -55.49 -20.23
N LEU C 135 -0.99 -55.31 -20.93
CA LEU C 135 -2.31 -55.66 -20.41
C LEU C 135 -2.51 -57.17 -20.31
N ARG C 136 -1.49 -57.89 -20.72
CA ARG C 136 -1.49 -59.32 -20.67
C ARG C 136 -0.72 -59.74 -19.47
N SER C 137 0.43 -59.11 -19.27
CA SER C 137 1.28 -59.39 -18.11
C SER C 137 0.61 -58.93 -16.83
N THR C 138 -0.13 -57.83 -16.92
CA THR C 138 -0.75 -57.25 -15.75
C THR C 138 -2.19 -57.75 -15.57
N ARG C 139 -2.74 -58.33 -16.64
CA ARG C 139 -4.12 -58.77 -16.65
C ARG C 139 -5.04 -57.61 -16.29
N ALA C 140 -4.58 -56.40 -16.55
CA ALA C 140 -5.35 -55.21 -16.22
C ALA C 140 -6.40 -54.95 -17.29
N GLN C 141 -7.22 -53.94 -17.05
CA GLN C 141 -8.17 -53.47 -18.04
C GLN C 141 -7.92 -51.99 -18.26
N ALA C 142 -7.76 -51.60 -19.52
CA ALA C 142 -7.55 -50.21 -19.85
C ALA C 142 -8.88 -49.44 -19.79
N ALA C 143 -8.85 -48.23 -19.26
CA ALA C 143 -10.05 -47.41 -19.18
C ALA C 143 -10.63 -47.17 -20.58
N PRO C 144 -11.92 -47.48 -20.76
CA PRO C 144 -12.60 -47.32 -22.06
C PRO C 144 -12.42 -45.90 -22.59
N LYS C 145 -12.09 -45.80 -23.87
CA LYS C 145 -11.79 -44.50 -24.46
C LYS C 145 -12.84 -43.44 -24.13
N HIS C 146 -14.10 -43.86 -24.08
CA HIS C 146 -15.22 -42.92 -23.97
C HIS C 146 -15.23 -42.09 -22.68
N LEU C 147 -14.38 -42.45 -21.73
CA LEU C 147 -14.31 -41.74 -20.46
C LEU C 147 -13.57 -40.41 -20.60
N PHE C 148 -12.79 -40.27 -21.66
CA PHE C 148 -11.81 -39.20 -21.76
C PHE C 148 -12.25 -38.02 -22.61
N VAL C 149 -12.21 -36.83 -22.01
CA VAL C 149 -12.60 -35.61 -22.70
C VAL C 149 -11.59 -35.24 -23.79
N SER C 150 -10.38 -35.80 -23.67
CA SER C 150 -9.27 -35.45 -24.57
C SER C 150 -8.62 -36.68 -25.22
N GLN C 151 -8.72 -36.77 -26.54
CA GLN C 151 -8.06 -37.83 -27.30
C GLN C 151 -7.50 -37.23 -28.58
N SER C 152 -7.25 -35.92 -28.53
CA SER C 152 -6.78 -35.16 -29.68
C SER C 152 -7.65 -35.34 -30.91
N HIS C 153 -8.96 -35.51 -30.69
CA HIS C 153 -9.92 -35.66 -31.77
C HIS C 153 -10.59 -34.32 -32.11
N SER C 154 -10.27 -33.27 -31.36
CA SER C 154 -10.98 -31.99 -31.51
C SER C 154 -10.16 -30.90 -32.21
N PRO C 155 -10.81 -29.76 -32.51
CA PRO C 155 -10.15 -28.64 -33.21
C PRO C 155 -9.04 -27.99 -32.38
N PRO C 156 -7.84 -27.88 -32.98
CA PRO C 156 -6.65 -27.36 -32.30
C PRO C 156 -6.80 -25.88 -31.93
N PRO C 157 -5.86 -25.34 -31.13
CA PRO C 157 -5.83 -23.91 -30.82
C PRO C 157 -5.41 -23.14 -32.06
N LEU C 158 -6.09 -22.03 -32.35
CA LEU C 158 -5.82 -21.28 -33.57
C LEU C 158 -4.57 -20.40 -33.47
N GLY C 159 -3.65 -20.60 -34.41
CA GLY C 159 -2.45 -19.80 -34.49
C GLY C 159 -1.27 -20.44 -33.78
N PHE C 160 -1.57 -21.41 -32.92
CA PHE C 160 -0.55 -22.05 -32.11
C PHE C 160 -0.14 -23.38 -32.71
N GLN C 161 0.90 -23.35 -33.52
CA GLN C 161 1.46 -24.56 -34.08
C GLN C 161 2.68 -24.95 -33.26
N VAL C 162 2.94 -26.25 -33.18
CA VAL C 162 4.12 -26.72 -32.47
C VAL C 162 5.38 -26.13 -33.07
N GLY C 163 6.28 -25.66 -32.21
CA GLY C 163 7.55 -25.13 -32.68
C GLY C 163 7.55 -23.62 -32.72
N MET C 164 6.36 -23.04 -32.83
CA MET C 164 6.24 -21.59 -32.86
C MET C 164 6.64 -20.99 -31.53
N LYS C 165 7.27 -19.83 -31.58
CA LYS C 165 7.77 -19.18 -30.37
C LYS C 165 6.91 -18.01 -29.94
N LEU C 166 6.96 -17.69 -28.65
CA LEU C 166 6.18 -16.60 -28.09
C LEU C 166 6.89 -16.07 -26.85
N GLU C 167 6.21 -15.17 -26.13
CA GLU C 167 6.69 -14.67 -24.86
C GLU C 167 5.70 -15.10 -23.80
N ALA C 168 6.21 -15.71 -22.73
CA ALA C 168 5.35 -16.28 -21.71
C ALA C 168 5.80 -15.82 -20.32
N VAL C 169 4.82 -15.67 -19.42
CA VAL C 169 5.09 -15.37 -18.02
C VAL C 169 5.37 -16.65 -17.25
N ASP C 170 6.51 -16.69 -16.55
CA ASP C 170 6.77 -17.82 -15.68
C ASP C 170 5.85 -17.73 -14.47
N ARG C 171 4.82 -18.56 -14.44
CA ARG C 171 3.84 -18.54 -13.35
C ARG C 171 4.48 -18.86 -12.01
N MET C 172 5.71 -19.37 -12.04
CA MET C 172 6.45 -19.68 -10.81
C MET C 172 7.31 -18.50 -10.40
N ASN C 173 7.59 -17.62 -11.36
CA ASN C 173 8.25 -16.34 -11.09
C ASN C 173 7.62 -15.26 -11.95
N PRO C 174 6.43 -14.80 -11.54
CA PRO C 174 5.50 -14.00 -12.36
C PRO C 174 6.14 -12.77 -13.00
N SER C 175 7.19 -12.25 -12.37
CA SER C 175 7.88 -11.07 -12.89
C SER C 175 8.72 -11.42 -14.12
N LEU C 176 8.98 -12.71 -14.29
CA LEU C 176 9.75 -13.18 -15.44
C LEU C 176 8.86 -13.50 -16.63
N VAL C 177 8.91 -12.62 -17.63
CA VAL C 177 8.32 -12.91 -18.93
C VAL C 177 9.47 -13.36 -19.82
N CYS C 178 9.46 -14.62 -20.22
CA CYS C 178 10.61 -15.20 -20.92
C CYS C 178 10.32 -15.64 -22.35
N VAL C 179 11.38 -15.93 -23.09
CA VAL C 179 11.28 -16.51 -24.42
C VAL C 179 10.79 -17.95 -24.30
N ALA C 180 9.69 -18.25 -24.97
CA ALA C 180 9.07 -19.58 -24.84
C ALA C 180 8.75 -20.19 -26.20
N SER C 181 8.51 -21.51 -26.22
CA SER C 181 8.13 -22.23 -27.42
C SER C 181 6.89 -23.06 -27.18
N VAL C 182 6.03 -23.19 -28.19
CA VAL C 182 4.94 -24.15 -28.12
C VAL C 182 5.53 -25.53 -28.40
N THR C 183 5.37 -26.44 -27.46
CA THR C 183 5.99 -27.75 -27.54
C THR C 183 4.98 -28.88 -27.66
N ASP C 184 3.74 -28.63 -27.27
CA ASP C 184 2.71 -29.66 -27.36
C ASP C 184 1.36 -29.07 -27.74
N VAL C 185 0.55 -29.88 -28.43
CA VAL C 185 -0.79 -29.48 -28.84
C VAL C 185 -1.78 -30.63 -28.64
N VAL C 186 -2.65 -30.53 -27.65
CA VAL C 186 -3.67 -31.53 -27.41
C VAL C 186 -5.05 -30.91 -27.41
N ASP C 187 -5.80 -31.19 -28.44
CA ASP C 187 -7.16 -30.67 -28.57
C ASP C 187 -7.13 -29.14 -28.62
N SER C 188 -7.70 -28.52 -27.59
CA SER C 188 -7.89 -27.07 -27.57
C SER C 188 -6.76 -26.36 -26.82
N ARG C 189 -5.83 -27.13 -26.27
CA ARG C 189 -4.77 -26.58 -25.43
C ARG C 189 -3.38 -26.79 -26.04
N PHE C 190 -2.49 -25.84 -25.81
CA PHE C 190 -1.09 -25.99 -26.16
C PHE C 190 -0.21 -25.93 -24.91
N LEU C 191 1.04 -26.36 -25.05
CA LEU C 191 1.96 -26.43 -23.93
C LEU C 191 3.09 -25.44 -24.10
N VAL C 192 3.18 -24.51 -23.16
CA VAL C 192 4.19 -23.46 -23.22
C VAL C 192 5.48 -23.90 -22.53
N HIS C 193 6.56 -23.95 -23.30
CA HIS C 193 7.85 -24.39 -22.78
C HIS C 193 8.84 -23.24 -22.66
N PHE C 194 9.62 -23.24 -21.59
CA PHE C 194 10.64 -22.22 -21.40
C PHE C 194 12.01 -22.70 -21.90
N ASP C 195 12.44 -22.10 -23.01
CA ASP C 195 13.60 -22.55 -23.76
C ASP C 195 14.86 -22.73 -22.91
N ASN C 196 15.56 -23.84 -23.16
CA ASN C 196 16.79 -24.21 -22.45
C ASN C 196 16.58 -24.66 -21.00
N TRP C 197 15.34 -24.51 -20.50
CA TRP C 197 14.97 -25.06 -19.19
C TRP C 197 14.36 -26.43 -19.40
N ASP C 198 14.29 -27.23 -18.34
CA ASP C 198 13.50 -28.45 -18.39
C ASP C 198 12.03 -28.04 -18.44
N ASP C 199 11.13 -28.93 -18.09
CA ASP C 199 9.71 -28.63 -18.24
C ASP C 199 8.95 -28.40 -16.92
N THR C 200 9.68 -28.15 -15.83
CA THR C 200 9.03 -27.93 -14.55
C THR C 200 8.31 -26.58 -14.53
N TYR C 201 8.75 -25.66 -15.38
CA TYR C 201 8.10 -24.35 -15.49
C TYR C 201 7.10 -24.34 -16.65
N ASP C 202 7.10 -25.41 -17.43
CA ASP C 202 6.18 -25.54 -18.56
C ASP C 202 4.75 -25.55 -18.03
N TYR C 203 3.81 -25.09 -18.84
CA TYR C 203 2.41 -25.13 -18.44
C TYR C 203 1.44 -25.14 -19.61
N TRP C 204 0.32 -25.83 -19.43
CA TRP C 204 -0.69 -25.96 -20.46
C TRP C 204 -1.67 -24.80 -20.37
N CYS C 205 -2.02 -24.24 -21.53
CA CYS C 205 -3.06 -23.21 -21.58
C CYS C 205 -3.68 -23.13 -22.97
N ASP C 206 -4.54 -22.14 -23.16
CA ASP C 206 -5.18 -21.91 -24.45
C ASP C 206 -4.98 -20.44 -24.83
N PRO C 207 -5.27 -20.08 -26.08
CA PRO C 207 -5.11 -18.71 -26.56
C PRO C 207 -5.48 -17.63 -25.53
N SER C 208 -6.63 -17.77 -24.88
CA SER C 208 -7.12 -16.74 -23.97
C SER C 208 -6.21 -16.55 -22.76
N SER C 209 -5.31 -17.50 -22.52
CA SER C 209 -4.48 -17.46 -21.32
C SER C 209 -3.87 -16.08 -21.10
N PRO C 210 -4.09 -15.52 -19.92
CA PRO C 210 -3.58 -14.19 -19.53
C PRO C 210 -2.05 -14.13 -19.42
N TYR C 211 -1.39 -15.28 -19.46
CA TYR C 211 0.03 -15.35 -19.18
C TYR C 211 0.92 -15.38 -20.43
N ILE C 212 0.29 -15.48 -21.60
CA ILE C 212 1.02 -15.57 -22.85
C ILE C 212 0.95 -14.27 -23.68
N HIS C 213 2.06 -13.96 -24.36
CA HIS C 213 2.17 -12.76 -25.18
C HIS C 213 2.93 -13.03 -26.48
N PRO C 214 2.69 -12.21 -27.52
CA PRO C 214 3.33 -12.41 -28.83
C PRO C 214 4.74 -11.82 -28.85
N VAL C 215 5.60 -12.42 -29.66
CA VAL C 215 6.96 -11.92 -29.82
C VAL C 215 6.94 -10.39 -29.95
N GLY C 216 7.86 -9.73 -29.24
CA GLY C 216 7.99 -8.30 -29.31
C GLY C 216 6.99 -7.56 -28.44
N TRP C 217 6.32 -8.29 -27.55
CA TRP C 217 5.37 -7.68 -26.62
C TRP C 217 6.09 -7.04 -25.46
N CYS C 218 7.17 -7.66 -25.00
CA CYS C 218 7.99 -7.11 -23.92
C CYS C 218 8.61 -5.77 -24.30
N GLN C 219 9.29 -5.74 -25.45
CA GLN C 219 9.88 -4.51 -25.96
C GLN C 219 8.82 -3.45 -26.21
N LYS C 220 7.68 -3.86 -26.78
CA LYS C 220 6.56 -2.97 -27.02
C LYS C 220 6.03 -2.36 -25.73
N GLN C 221 6.29 -3.03 -24.61
CA GLN C 221 5.69 -2.66 -23.33
C GLN C 221 6.68 -2.02 -22.35
N GLY C 222 7.97 -2.13 -22.65
CA GLY C 222 8.98 -1.56 -21.79
C GLY C 222 9.55 -2.53 -20.76
N LYS C 223 8.92 -3.68 -20.61
CA LYS C 223 9.39 -4.70 -19.68
C LYS C 223 10.56 -5.48 -20.30
N PRO C 224 11.48 -5.95 -19.45
CA PRO C 224 12.60 -6.77 -19.94
C PRO C 224 12.14 -8.17 -20.38
N LEU C 225 12.86 -8.78 -21.33
CA LEU C 225 12.55 -10.13 -21.79
C LEU C 225 13.65 -11.08 -21.36
N THR C 226 13.31 -12.07 -20.56
CA THR C 226 14.29 -13.03 -20.10
C THR C 226 14.72 -13.95 -21.24
N PRO C 227 15.96 -13.77 -21.74
CA PRO C 227 16.47 -14.64 -22.80
C PRO C 227 16.45 -16.10 -22.36
N PRO C 228 16.50 -17.03 -23.33
CA PRO C 228 16.56 -18.46 -22.97
C PRO C 228 17.68 -18.70 -21.96
N GLN C 229 17.48 -19.66 -21.05
CA GLN C 229 18.50 -19.98 -20.07
C GLN C 229 19.85 -20.17 -20.74
N ASP C 230 20.84 -19.43 -20.27
CA ASP C 230 22.21 -19.58 -20.76
C ASP C 230 22.33 -19.32 -22.26
N TYR C 231 21.51 -18.41 -22.78
CA TYR C 231 21.67 -18.01 -24.16
C TYR C 231 22.94 -17.18 -24.29
N PRO C 232 23.87 -17.65 -25.13
CA PRO C 232 25.16 -16.98 -25.36
C PRO C 232 24.97 -15.49 -25.62
N ASP C 233 25.49 -14.66 -24.72
CA ASP C 233 25.32 -13.22 -24.83
C ASP C 233 23.86 -12.87 -24.59
N PRO C 234 23.41 -12.94 -23.32
CA PRO C 234 22.03 -12.59 -23.00
C PRO C 234 21.79 -11.11 -23.29
N ASP C 235 22.87 -10.40 -23.59
CA ASP C 235 22.85 -8.97 -23.83
C ASP C 235 22.61 -8.62 -25.31
N ASN C 236 22.77 -9.61 -26.17
CA ASN C 236 22.49 -9.41 -27.60
C ASN C 236 21.33 -10.26 -28.10
N PHE C 237 20.45 -10.69 -27.20
CA PHE C 237 19.34 -11.50 -27.63
C PHE C 237 18.51 -10.73 -28.64
N CYS C 238 18.10 -11.42 -29.69
CA CYS C 238 17.38 -10.80 -30.79
C CYS C 238 16.28 -11.76 -31.24
N TRP C 239 15.02 -11.33 -31.13
CA TRP C 239 13.92 -12.17 -31.57
C TRP C 239 14.07 -12.51 -33.05
N GLU C 240 14.57 -11.55 -33.83
CA GLU C 240 14.76 -11.75 -35.26
C GLU C 240 15.85 -12.77 -35.56
N LYS C 241 17.00 -12.61 -34.89
CA LYS C 241 18.11 -13.52 -35.08
C LYS C 241 17.80 -14.88 -34.47
N TYR C 242 17.18 -14.85 -33.30
CA TYR C 242 16.84 -16.09 -32.59
C TYR C 242 15.82 -16.89 -33.38
N LEU C 243 14.72 -16.26 -33.78
CA LEU C 243 13.71 -16.92 -34.60
C LEU C 243 14.36 -17.52 -35.84
N GLU C 244 15.26 -16.75 -36.44
CA GLU C 244 15.91 -17.17 -37.67
C GLU C 244 16.94 -18.29 -37.45
N GLU C 245 17.68 -18.22 -36.35
CA GLU C 245 18.71 -19.22 -36.09
C GLU C 245 18.15 -20.51 -35.49
N THR C 246 16.92 -20.44 -34.98
CA THR C 246 16.25 -21.62 -34.44
C THR C 246 15.30 -22.23 -35.49
N GLY C 247 15.19 -21.55 -36.63
CA GLY C 247 14.31 -21.98 -37.71
C GLY C 247 12.84 -21.88 -37.35
N ALA C 248 12.53 -21.02 -36.38
CA ALA C 248 11.18 -20.98 -35.84
C ALA C 248 10.36 -19.78 -36.34
N SER C 249 9.04 -19.90 -36.19
CA SER C 249 8.12 -18.81 -36.49
C SER C 249 7.46 -18.34 -35.21
N ALA C 250 6.96 -17.11 -35.20
CA ALA C 250 6.33 -16.54 -34.01
C ALA C 250 4.80 -16.64 -34.10
N VAL C 251 4.17 -17.16 -33.04
CA VAL C 251 2.71 -17.22 -32.98
C VAL C 251 2.15 -15.86 -33.34
N PRO C 252 1.24 -15.82 -34.34
CA PRO C 252 0.71 -14.56 -34.85
C PRO C 252 -0.05 -13.77 -33.77
N THR C 253 0.13 -12.46 -33.76
CA THR C 253 -0.46 -11.64 -32.71
C THR C 253 -1.98 -11.72 -32.72
N TRP C 254 -2.54 -12.16 -33.84
CA TRP C 254 -3.99 -12.28 -33.97
C TRP C 254 -4.51 -13.55 -33.30
N ALA C 255 -3.60 -14.46 -32.99
CA ALA C 255 -3.95 -15.72 -32.36
C ALA C 255 -4.31 -15.52 -30.90
N PHE C 256 -3.60 -14.60 -30.25
CA PHE C 256 -3.78 -14.34 -28.83
C PHE C 256 -5.12 -13.67 -28.56
N LYS C 257 -5.90 -14.28 -27.66
CA LYS C 257 -7.24 -13.79 -27.35
C LYS C 257 -7.33 -13.28 -25.92
N VAL C 258 -8.36 -12.47 -25.65
CA VAL C 258 -8.51 -11.83 -24.36
C VAL C 258 -9.39 -12.68 -23.42
N ARG C 259 -8.90 -12.94 -22.22
CA ARG C 259 -9.69 -13.63 -21.21
C ARG C 259 -10.27 -12.61 -20.22
N PRO C 260 -11.60 -12.44 -20.24
CA PRO C 260 -12.29 -11.51 -19.34
C PRO C 260 -12.02 -11.89 -17.89
N PRO C 261 -11.74 -10.89 -17.04
CA PRO C 261 -11.53 -11.17 -15.63
C PRO C 261 -12.76 -11.84 -15.05
N HIS C 262 -12.57 -12.75 -14.10
CA HIS C 262 -13.70 -13.41 -13.46
C HIS C 262 -14.55 -12.41 -12.70
N SER C 263 -15.72 -12.85 -12.25
CA SER C 263 -16.62 -11.97 -11.50
C SER C 263 -16.70 -12.37 -10.03
N PHE C 264 -15.69 -13.11 -9.56
CA PHE C 264 -15.65 -13.52 -8.17
C PHE C 264 -15.47 -12.31 -7.26
N LEU C 265 -16.31 -12.23 -6.23
CA LEU C 265 -16.22 -11.16 -5.24
C LEU C 265 -15.69 -11.73 -3.92
N VAL C 266 -15.07 -10.87 -3.12
CA VAL C 266 -14.51 -11.27 -1.84
C VAL C 266 -15.61 -11.71 -0.86
N ASN C 267 -15.25 -12.65 0.03
CA ASN C 267 -16.16 -13.16 1.05
C ASN C 267 -17.06 -14.28 0.56
N MET C 268 -17.25 -14.37 -0.75
CA MET C 268 -17.96 -15.48 -1.35
C MET C 268 -17.33 -16.79 -0.90
N LYS C 269 -18.15 -17.83 -0.73
CA LYS C 269 -17.66 -19.12 -0.26
C LYS C 269 -17.78 -20.20 -1.34
N LEU C 270 -16.81 -21.10 -1.37
CA LEU C 270 -16.82 -22.19 -2.32
C LEU C 270 -16.20 -23.43 -1.69
N GLU C 271 -15.91 -24.42 -2.51
CA GLU C 271 -15.17 -25.59 -2.08
C GLU C 271 -13.89 -25.68 -2.93
N ALA C 272 -12.76 -25.91 -2.28
CA ALA C 272 -11.48 -25.92 -2.99
C ALA C 272 -10.56 -27.01 -2.45
N VAL C 273 -9.95 -27.76 -3.37
CA VAL C 273 -9.05 -28.84 -2.97
C VAL C 273 -7.93 -28.31 -2.09
N ASP C 274 -7.63 -29.06 -1.03
CA ASP C 274 -6.54 -28.70 -0.11
C ASP C 274 -5.20 -28.99 -0.77
N ARG C 275 -4.29 -28.03 -0.71
CA ARG C 275 -3.01 -28.15 -1.40
C ARG C 275 -2.00 -29.00 -0.63
N ARG C 276 -2.03 -28.91 0.69
CA ARG C 276 -1.12 -29.68 1.55
C ARG C 276 -1.58 -31.12 1.65
N ASN C 277 -2.63 -31.44 0.91
CA ASN C 277 -3.21 -32.77 0.87
C ASN C 277 -4.33 -32.79 -0.16
N PRO C 278 -3.99 -33.09 -1.41
CA PRO C 278 -4.89 -33.03 -2.57
C PRO C 278 -6.15 -33.89 -2.42
N ALA C 279 -6.13 -34.86 -1.51
CA ALA C 279 -7.27 -35.76 -1.30
C ALA C 279 -8.49 -35.09 -0.68
N LEU C 280 -8.26 -34.06 0.13
CA LEU C 280 -9.33 -33.36 0.82
C LEU C 280 -9.91 -32.18 0.04
N ILE C 281 -11.14 -31.80 0.38
CA ILE C 281 -11.77 -30.61 -0.16
C ILE C 281 -12.45 -29.85 0.98
N ARG C 282 -12.22 -28.54 1.05
CA ARG C 282 -12.63 -27.76 2.22
C ARG C 282 -13.60 -26.61 1.93
N VAL C 283 -14.32 -26.21 2.97
CA VAL C 283 -15.05 -24.94 2.95
C VAL C 283 -14.01 -23.85 2.82
N ALA C 284 -14.20 -22.95 1.86
CA ALA C 284 -13.24 -21.89 1.60
C ALA C 284 -13.92 -20.59 1.17
N SER C 285 -13.22 -19.49 1.37
CA SER C 285 -13.73 -18.17 1.01
C SER C 285 -12.79 -17.45 0.05
N VAL C 286 -13.35 -16.56 -0.75
CA VAL C 286 -12.55 -15.69 -1.59
C VAL C 286 -11.93 -14.59 -0.75
N GLU C 287 -10.66 -14.79 -0.37
CA GLU C 287 -9.94 -13.85 0.48
C GLU C 287 -9.69 -12.54 -0.26
N ASP C 288 -9.02 -12.64 -1.40
CA ASP C 288 -8.70 -11.48 -2.22
C ASP C 288 -8.90 -11.85 -3.69
N VAL C 289 -8.88 -10.84 -4.57
CA VAL C 289 -9.09 -11.11 -6.00
C VAL C 289 -8.13 -10.34 -6.92
N GLU C 290 -7.95 -10.85 -8.13
CA GLU C 290 -7.30 -10.11 -9.20
C GLU C 290 -8.22 -10.16 -10.41
N ASP C 291 -7.67 -9.93 -11.59
CA ASP C 291 -8.43 -10.12 -12.81
C ASP C 291 -8.59 -11.60 -13.10
N HIS C 292 -7.54 -12.36 -12.87
CA HIS C 292 -7.49 -13.76 -13.28
C HIS C 292 -7.13 -14.73 -12.14
N ARG C 293 -6.77 -14.19 -10.99
CA ARG C 293 -6.47 -15.03 -9.82
C ARG C 293 -7.50 -14.90 -8.68
N ILE C 294 -7.36 -15.75 -7.68
CA ILE C 294 -8.29 -15.83 -6.57
C ILE C 294 -7.58 -16.31 -5.31
N LYS C 295 -7.73 -15.58 -4.21
CA LYS C 295 -7.20 -16.04 -2.93
C LYS C 295 -8.21 -16.91 -2.20
N ILE C 296 -7.84 -18.17 -1.98
CA ILE C 296 -8.71 -19.08 -1.26
C ILE C 296 -8.28 -19.13 0.21
N HIS C 297 -9.21 -18.81 1.10
CA HIS C 297 -9.00 -18.98 2.53
C HIS C 297 -9.84 -20.15 3.03
N PHE C 298 -9.21 -21.08 3.74
CA PHE C 298 -9.93 -22.19 4.34
C PHE C 298 -10.53 -21.75 5.68
N ASP C 299 -11.86 -21.79 5.78
CA ASP C 299 -12.58 -21.26 6.92
C ASP C 299 -12.23 -21.95 8.24
N GLY C 300 -12.03 -21.16 9.28
CA GLY C 300 -11.66 -21.70 10.58
C GLY C 300 -10.16 -21.94 10.70
N TRP C 301 -9.48 -21.99 9.56
CA TRP C 301 -8.03 -22.22 9.53
C TRP C 301 -7.26 -20.91 9.46
N SER C 302 -5.97 -20.98 9.76
CA SER C 302 -5.11 -19.81 9.74
C SER C 302 -5.00 -19.22 8.34
N HIS C 303 -4.62 -17.96 8.25
CA HIS C 303 -4.51 -17.30 6.95
C HIS C 303 -3.17 -17.57 6.28
N GLY C 304 -2.21 -18.06 7.05
CA GLY C 304 -0.90 -18.41 6.51
C GLY C 304 -1.00 -19.58 5.54
N TYR C 305 -2.21 -20.10 5.41
CA TYR C 305 -2.49 -21.22 4.51
C TYR C 305 -3.13 -20.73 3.23
N ASP C 306 -3.63 -19.50 3.25
CA ASP C 306 -4.27 -18.92 2.09
C ASP C 306 -3.33 -19.04 0.89
N PHE C 307 -3.91 -19.23 -0.28
CA PHE C 307 -3.10 -19.42 -1.49
C PHE C 307 -3.76 -18.73 -2.68
N TRP C 308 -2.94 -18.24 -3.60
CA TRP C 308 -3.46 -17.76 -4.87
C TRP C 308 -3.61 -18.94 -5.81
N ILE C 309 -4.75 -19.01 -6.48
CA ILE C 309 -5.02 -20.05 -7.46
C ILE C 309 -5.67 -19.37 -8.67
N ASP C 310 -5.54 -19.97 -9.84
CA ASP C 310 -6.19 -19.42 -11.03
C ASP C 310 -7.69 -19.67 -10.99
N ALA C 311 -8.46 -18.64 -11.29
CA ALA C 311 -9.92 -18.74 -11.26
C ALA C 311 -10.45 -19.83 -12.19
N ASP C 312 -9.62 -20.29 -13.11
CA ASP C 312 -10.02 -21.34 -14.06
C ASP C 312 -9.42 -22.69 -13.68
N HIS C 313 -8.66 -22.72 -12.58
CA HIS C 313 -8.04 -23.95 -12.12
C HIS C 313 -9.10 -25.00 -11.79
N PRO C 314 -8.86 -26.24 -12.23
CA PRO C 314 -9.84 -27.32 -12.10
C PRO C 314 -10.12 -27.74 -10.66
N ASP C 315 -9.36 -27.23 -9.70
CA ASP C 315 -9.51 -27.65 -8.30
C ASP C 315 -10.31 -26.70 -7.40
N ILE C 316 -11.19 -25.88 -8.00
CA ILE C 316 -12.15 -25.10 -7.22
C ILE C 316 -13.56 -25.31 -7.75
N HIS C 317 -14.52 -25.41 -6.83
CA HIS C 317 -15.87 -25.77 -7.20
C HIS C 317 -16.88 -24.97 -6.39
N PRO C 318 -18.13 -24.86 -6.89
CA PRO C 318 -19.21 -24.16 -6.18
C PRO C 318 -19.65 -24.95 -4.96
N ALA C 319 -20.22 -24.28 -3.97
CA ALA C 319 -20.77 -24.96 -2.81
C ALA C 319 -21.87 -25.91 -3.26
N GLY C 320 -21.76 -27.17 -2.86
CA GLY C 320 -22.71 -28.19 -3.25
C GLY C 320 -22.11 -29.19 -4.22
N TRP C 321 -20.91 -28.89 -4.71
CA TRP C 321 -20.20 -29.77 -5.62
C TRP C 321 -19.86 -31.10 -4.93
N CYS C 322 -19.20 -31.03 -3.77
CA CYS C 322 -18.83 -32.22 -3.01
C CYS C 322 -20.02 -33.10 -2.66
N SER C 323 -21.13 -32.48 -2.29
CA SER C 323 -22.31 -33.22 -1.90
C SER C 323 -22.95 -33.90 -3.11
N LYS C 324 -22.98 -33.19 -4.23
CA LYS C 324 -23.63 -33.66 -5.46
C LYS C 324 -22.82 -34.73 -6.19
N THR C 325 -21.54 -34.86 -5.87
CA THR C 325 -20.69 -35.86 -6.52
C THR C 325 -20.32 -37.01 -5.60
N GLY C 326 -20.56 -36.86 -4.31
CA GLY C 326 -20.31 -37.93 -3.37
C GLY C 326 -18.90 -37.90 -2.83
N HIS C 327 -18.33 -36.70 -2.81
CA HIS C 327 -17.00 -36.49 -2.25
C HIS C 327 -17.21 -35.81 -0.92
N PRO C 328 -16.50 -36.28 0.11
CA PRO C 328 -16.62 -35.70 1.46
C PRO C 328 -16.14 -34.25 1.51
N LEU C 329 -16.81 -33.43 2.32
CA LEU C 329 -16.45 -32.03 2.43
C LEU C 329 -15.97 -31.72 3.84
N GLN C 330 -14.86 -31.03 3.95
CA GLN C 330 -14.30 -30.67 5.25
C GLN C 330 -14.92 -29.38 5.73
N PRO C 331 -15.71 -29.45 6.81
CA PRO C 331 -16.28 -28.24 7.40
C PRO C 331 -15.15 -27.34 7.90
N PRO C 332 -15.46 -26.07 8.21
CA PRO C 332 -14.48 -25.17 8.80
C PRO C 332 -13.89 -25.74 10.10
N LEU C 333 -12.66 -25.35 10.43
CA LEU C 333 -12.02 -25.78 11.66
C LEU C 333 -12.96 -25.65 12.85
#